data_6P87
#
_entry.id   6P87
#
_cell.length_a   97.213
_cell.length_b   97.213
_cell.length_c   216.185
_cell.angle_alpha   90.000
_cell.angle_beta   90.000
_cell.angle_gamma   120.000
#
_symmetry.space_group_name_H-M   'P 32 2 1'
#
loop_
_entity.id
_entity.type
_entity.pdbx_description
1 polymer 'UDP-3-O-(3-hydroxymyristoyl)glucosamine N-acyltransferase'
2 non-polymer 'MAGNESIUM ION'
3 non-polymer N-[(R)-(1H-indol-3-yl)(thiophen-2-yl)methyl]-2-(2-methoxyphenoxy)-N-methylacetamide
4 non-polymer 3-hydroxy-7,7-dimethyl-2-phenyl-4-(thiophen-2-yl)-2,6,7,8-tetrahydro-5H-pyrazolo[3,4-b]quinolin-5-one
5 water water
#
_entity_poly.entity_id   1
_entity_poly.type   'polypeptide(L)'
_entity_poly.pdbx_seq_one_letter_code
;GSGGSIRLADLAQQLDAELHGDGDIVITGVASMQSAQTGHITFMVNPKYREHLGLCQASAVVMTQDDLPFAKSAALVVKN
PYLTYARMAQILDTTPQPAQNIAPSAVIDATAKLGNNVSIGANAVIESGVELGDNVIIGAGCFVGKNSKIGAGSRLWANV
TIYHEIQIGQNCLIQSGTVVGADGFGYANDRGNWVKIPQIGRVIIGDRVEIGACTTIDRGALDDTIIGNGVIIDNQCQIA
HNVVIGDNTAVAGGVIMAGSLKIGRYCMIGGASVINGHMEICDKVTVTGMGMVMRPITEPGVYSSGIPLQPNKVWRKTAA
LVMNIDDMSKRLKSLERKVNQQD
;
_entity_poly.pdbx_strand_id   A,B,C
#
loop_
_chem_comp.id
_chem_comp.type
_chem_comp.name
_chem_comp.formula
MG non-polymer 'MAGNESIUM ION' 'Mg 2'
O3V non-polymer 3-hydroxy-7,7-dimethyl-2-phenyl-4-(thiophen-2-yl)-2,6,7,8-tetrahydro-5H-pyrazolo[3,4-b]quinolin-5-one 'C22 H19 N3 O2 S'
O4P non-polymer N-[(R)-(1H-indol-3-yl)(thiophen-2-yl)methyl]-2-(2-methoxyphenoxy)-N-methylacetamide 'C23 H22 N2 O3 S'
#
# COMPACT_ATOMS: atom_id res chain seq x y z
N SER A 5 35.08 9.03 -13.14
CA SER A 5 36.28 8.54 -12.45
C SER A 5 37.05 9.69 -11.83
N ILE A 6 37.69 9.43 -10.69
CA ILE A 6 38.32 10.47 -9.89
C ILE A 6 39.56 9.90 -9.23
N ARG A 7 40.57 10.74 -9.06
CA ARG A 7 41.79 10.33 -8.38
C ARG A 7 41.53 10.17 -6.89
N LEU A 8 42.13 9.14 -6.29
CA LEU A 8 41.90 8.87 -4.87
C LEU A 8 42.28 10.09 -4.02
N ALA A 9 43.34 10.79 -4.38
CA ALA A 9 43.74 11.97 -3.63
C ALA A 9 42.67 13.05 -3.67
N ASP A 10 42.11 13.31 -4.86
CA ASP A 10 41.07 14.32 -4.99
C ASP A 10 39.81 13.90 -4.25
N LEU A 11 39.45 12.61 -4.33
CA LEU A 11 38.27 12.13 -3.62
C LEU A 11 38.44 12.29 -2.11
N ALA A 12 39.62 11.94 -1.59
CA ALA A 12 39.86 12.07 -0.16
C ALA A 12 39.78 13.52 0.29
N GLN A 13 40.16 14.46 -0.58
CA GLN A 13 40.09 15.87 -0.22
C GLN A 13 38.63 16.32 -0.08
N GLN A 14 37.80 15.96 -1.06
CA GLN A 14 36.39 16.35 -1.02
C GLN A 14 35.65 15.69 0.14
N LEU A 15 36.14 14.55 0.63
CA LEU A 15 35.54 13.88 1.78
C LEU A 15 36.21 14.27 3.10
N ASP A 16 37.24 15.11 3.05
CA ASP A 16 38.00 15.48 4.24
C ASP A 16 38.46 14.24 5.00
N ALA A 17 39.00 13.28 4.25
CA ALA A 17 39.56 12.06 4.81
C ALA A 17 41.07 12.06 4.64
N GLU A 18 41.76 11.44 5.60
CA GLU A 18 43.21 11.34 5.53
C GLU A 18 43.59 10.12 4.69
N LEU A 19 44.38 10.35 3.64
CA LEU A 19 44.76 9.30 2.71
C LEU A 19 45.97 8.53 3.22
N HIS A 20 45.89 7.20 3.20
CA HIS A 20 47.00 6.31 3.54
C HIS A 20 47.19 5.37 2.35
N GLY A 21 47.88 5.85 1.33
CA GLY A 21 48.11 5.06 0.14
C GLY A 21 48.36 5.95 -1.06
N ASP A 22 48.45 5.30 -2.21
CA ASP A 22 48.79 5.98 -3.46
C ASP A 22 47.62 6.84 -3.92
N GLY A 23 47.79 8.17 -3.87
CA GLY A 23 46.74 9.09 -4.26
C GLY A 23 46.49 9.17 -5.75
N ASP A 24 47.36 8.59 -6.58
CA ASP A 24 47.13 8.56 -8.01
C ASP A 24 46.17 7.46 -8.43
N ILE A 25 45.70 6.63 -7.50
CA ILE A 25 44.77 5.57 -7.84
C ILE A 25 43.49 6.17 -8.41
N VAL A 26 42.99 5.58 -9.49
CA VAL A 26 41.76 6.03 -10.13
C VAL A 26 40.58 5.26 -9.55
N ILE A 27 39.62 5.98 -8.99
CA ILE A 27 38.39 5.40 -8.46
C ILE A 27 37.27 5.65 -9.45
N THR A 28 36.61 4.58 -9.88
CA THR A 28 35.52 4.69 -10.85
C THR A 28 34.13 4.52 -10.24
N GLY A 29 34.02 4.00 -9.03
CA GLY A 29 32.71 3.78 -8.45
C GLY A 29 32.81 3.16 -7.08
N VAL A 30 31.65 3.01 -6.45
CA VAL A 30 31.51 2.44 -5.12
C VAL A 30 31.00 1.01 -5.26
N ALA A 31 31.44 0.14 -4.36
CA ALA A 31 30.97 -1.24 -4.33
C ALA A 31 31.00 -1.74 -2.90
N SER A 32 30.28 -2.83 -2.65
CA SER A 32 30.33 -3.48 -1.35
C SER A 32 31.70 -4.13 -1.14
N MET A 33 32.00 -4.46 0.11
CA MET A 33 33.29 -5.09 0.41
C MET A 33 33.44 -6.41 -0.33
N GLN A 34 32.37 -7.20 -0.38
CA GLN A 34 32.48 -8.51 -1.01
C GLN A 34 32.56 -8.42 -2.53
N SER A 35 31.99 -7.37 -3.12
CA SER A 35 31.93 -7.25 -4.57
C SER A 35 33.02 -6.37 -5.18
N ALA A 36 33.70 -5.56 -4.36
CA ALA A 36 34.58 -4.55 -4.91
C ALA A 36 35.72 -5.16 -5.73
N GLN A 37 36.04 -4.51 -6.84
CA GLN A 37 37.16 -4.88 -7.71
C GLN A 37 38.14 -3.71 -7.80
N THR A 38 39.20 -3.89 -8.57
CA THR A 38 40.12 -2.80 -8.86
C THR A 38 39.35 -1.61 -9.43
N GLY A 39 39.60 -0.43 -8.87
CA GLY A 39 38.91 0.77 -9.27
C GLY A 39 37.74 1.15 -8.40
N HIS A 40 37.26 0.25 -7.55
CA HIS A 40 36.17 0.52 -6.62
C HIS A 40 36.72 1.03 -5.30
N ILE A 41 35.98 1.93 -4.67
CA ILE A 41 36.17 2.27 -3.26
C ILE A 41 35.01 1.68 -2.47
N THR A 42 35.30 1.20 -1.27
CA THR A 42 34.31 0.59 -0.42
C THR A 42 34.50 1.13 0.99
N PHE A 43 33.78 0.56 1.95
CA PHE A 43 33.83 1.04 3.33
C PHE A 43 33.55 -0.14 4.26
N MET A 44 33.85 0.06 5.54
CA MET A 44 33.49 -0.91 6.56
C MET A 44 33.15 -0.18 7.84
N VAL A 45 32.16 -0.71 8.57
CA VAL A 45 31.73 -0.16 9.85
C VAL A 45 31.89 -1.16 10.98
N ASN A 46 31.61 -2.44 10.72
CA ASN A 46 31.70 -3.47 11.74
C ASN A 46 33.13 -4.00 11.83
N PRO A 47 33.72 -4.06 13.03
CA PRO A 47 35.10 -4.54 13.14
C PRO A 47 35.29 -5.99 12.73
N LYS A 48 34.20 -6.76 12.55
CA LYS A 48 34.35 -8.16 12.17
C LYS A 48 35.01 -8.32 10.80
N TYR A 49 34.95 -7.30 9.95
CA TYR A 49 35.52 -7.39 8.62
C TYR A 49 37.00 -7.03 8.57
N ARG A 50 37.56 -6.50 9.66
CA ARG A 50 38.99 -6.20 9.70
C ARG A 50 39.84 -7.40 9.29
N GLU A 51 39.40 -8.61 9.63
CA GLU A 51 40.26 -9.78 9.56
C GLU A 51 40.38 -10.36 8.15
N HIS A 52 39.41 -10.14 7.26
CA HIS A 52 39.51 -10.57 5.87
C HIS A 52 39.64 -9.39 4.91
N LEU A 53 40.15 -8.25 5.40
CA LEU A 53 40.43 -7.13 4.51
C LEU A 53 41.43 -7.52 3.43
N GLY A 54 42.32 -8.47 3.72
CA GLY A 54 43.23 -8.98 2.72
C GLY A 54 42.55 -9.69 1.57
N LEU A 55 41.28 -10.09 1.75
CA LEU A 55 40.52 -10.70 0.68
C LEU A 55 39.70 -9.70 -0.12
N CYS A 56 39.48 -8.49 0.42
CA CYS A 56 38.77 -7.46 -0.32
C CYS A 56 39.64 -6.96 -1.47
N GLN A 57 39.05 -6.84 -2.65
CA GLN A 57 39.79 -6.46 -3.85
C GLN A 57 39.53 -5.02 -4.28
N ALA A 58 39.00 -4.20 -3.39
CA ALA A 58 38.79 -2.79 -3.72
C ALA A 58 40.13 -2.06 -3.82
N SER A 59 40.13 -0.98 -4.60
CA SER A 59 41.31 -0.13 -4.69
C SER A 59 41.50 0.73 -3.44
N ALA A 60 40.45 0.94 -2.66
CA ALA A 60 40.54 1.74 -1.45
C ALA A 60 39.38 1.38 -0.53
N VAL A 61 39.61 1.52 0.77
CA VAL A 61 38.62 1.19 1.79
C VAL A 61 38.51 2.35 2.77
N VAL A 62 37.30 2.86 2.95
CA VAL A 62 37.03 3.89 3.95
C VAL A 62 36.87 3.23 5.32
N MET A 63 37.60 3.74 6.31
CA MET A 63 37.64 3.09 7.61
C MET A 63 38.02 4.13 8.66
N THR A 64 37.95 3.72 9.93
CA THR A 64 38.33 4.57 11.04
C THR A 64 39.83 4.45 11.31
N GLN A 65 40.32 5.19 12.30
CA GLN A 65 41.74 5.14 12.64
C GLN A 65 42.11 3.79 13.23
N ASP A 66 41.27 3.25 14.11
CA ASP A 66 41.58 1.95 14.72
C ASP A 66 41.58 0.83 13.69
N ASP A 67 41.00 1.04 12.51
CA ASP A 67 41.02 0.03 11.47
C ASP A 67 42.31 0.05 10.66
N LEU A 68 43.09 1.14 10.74
CA LEU A 68 44.22 1.30 9.83
C LEU A 68 45.23 0.17 9.91
N PRO A 69 45.63 -0.32 11.09
CA PRO A 69 46.63 -1.40 11.11
C PRO A 69 46.23 -2.63 10.32
N PHE A 70 44.93 -2.90 10.21
CA PHE A 70 44.44 -4.08 9.50
C PHE A 70 44.27 -3.85 8.02
N ALA A 71 44.48 -2.63 7.54
CA ALA A 71 44.31 -2.34 6.13
C ALA A 71 45.28 -3.15 5.28
N LYS A 72 44.76 -3.68 4.16
CA LYS A 72 45.57 -4.38 3.17
C LYS A 72 45.52 -3.68 1.82
N SER A 73 45.16 -2.41 1.80
CA SER A 73 45.09 -1.61 0.58
C SER A 73 45.12 -0.14 0.98
N ALA A 74 45.10 0.73 -0.03
CA ALA A 74 44.96 2.15 0.24
C ALA A 74 43.70 2.38 1.08
N ALA A 75 43.78 3.34 2.01
CA ALA A 75 42.70 3.57 2.96
C ALA A 75 42.47 5.06 3.13
N LEU A 76 41.21 5.41 3.33
CA LEU A 76 40.80 6.77 3.69
C LEU A 76 40.25 6.72 5.11
N VAL A 77 40.94 7.38 6.04
CA VAL A 77 40.56 7.38 7.45
C VAL A 77 39.62 8.54 7.71
N VAL A 78 38.52 8.25 8.42
CA VAL A 78 37.51 9.23 8.78
C VAL A 78 36.91 8.83 10.13
N LYS A 79 36.13 9.74 10.72
CA LYS A 79 35.46 9.43 11.98
C LYS A 79 34.23 8.56 11.76
N ASN A 80 33.50 8.79 10.67
CA ASN A 80 32.20 8.15 10.43
C ASN A 80 32.20 7.55 9.03
N PRO A 81 32.64 6.29 8.88
CA PRO A 81 32.70 5.69 7.54
C PRO A 81 31.34 5.65 6.83
N TYR A 82 30.25 5.47 7.56
CA TYR A 82 28.94 5.37 6.91
C TYR A 82 28.52 6.70 6.31
N LEU A 83 28.79 7.81 7.02
CA LEU A 83 28.50 9.13 6.45
C LEU A 83 29.43 9.44 5.29
N THR A 84 30.71 9.10 5.42
CA THR A 84 31.63 9.28 4.30
C THR A 84 31.19 8.45 3.10
N TYR A 85 30.70 7.23 3.35
CA TYR A 85 30.18 6.40 2.27
C TYR A 85 29.01 7.10 1.58
N ALA A 86 28.07 7.65 2.36
CA ALA A 86 26.99 8.41 1.77
C ALA A 86 27.52 9.51 0.86
N ARG A 87 28.50 10.28 1.35
CA ARG A 87 29.04 11.40 0.57
C ARG A 87 29.75 10.90 -0.69
N MET A 88 30.56 9.85 -0.58
CA MET A 88 31.30 9.40 -1.75
C MET A 88 30.39 8.72 -2.76
N ALA A 89 29.32 8.09 -2.30
CA ALA A 89 28.33 7.53 -3.24
C ALA A 89 27.64 8.63 -4.04
N GLN A 90 27.42 9.80 -3.43
CA GLN A 90 26.84 10.92 -4.16
C GLN A 90 27.82 11.44 -5.21
N ILE A 91 29.10 11.53 -4.86
CA ILE A 91 30.10 11.98 -5.83
C ILE A 91 30.16 11.03 -7.01
N LEU A 92 30.06 9.72 -6.75
CA LEU A 92 30.19 8.68 -7.78
C LEU A 92 28.83 8.12 -8.20
N ASP A 93 27.76 8.89 -8.03
CA ASP A 93 26.41 8.37 -8.27
C ASP A 93 26.21 8.10 -9.77
N THR A 94 25.64 6.94 -10.08
CA THR A 94 25.34 6.57 -11.46
C THR A 94 23.87 6.68 -11.80
N THR A 95 23.03 7.07 -10.85
CA THR A 95 21.60 7.09 -11.07
C THR A 95 21.25 8.09 -12.16
N PRO A 96 20.48 7.70 -13.18
CA PRO A 96 20.05 8.65 -14.21
C PRO A 96 19.01 9.62 -13.68
N GLN A 97 18.68 10.63 -14.52
CA GLN A 97 17.64 11.60 -14.22
C GLN A 97 16.28 11.13 -14.75
N PRO A 98 15.18 11.47 -14.07
CA PRO A 98 13.86 11.03 -14.57
C PRO A 98 13.53 11.54 -15.96
N ALA A 99 14.17 12.62 -16.42
CA ALA A 99 13.87 13.18 -17.72
C ALA A 99 14.95 14.20 -18.07
N GLN A 100 15.05 14.50 -19.36
CA GLN A 100 15.99 15.51 -19.85
C GLN A 100 15.29 16.37 -20.90
N ASN A 101 15.33 17.68 -20.72
CA ASN A 101 14.59 18.58 -21.59
C ASN A 101 13.10 18.27 -21.48
N ILE A 102 12.29 18.85 -22.38
CA ILE A 102 10.84 18.68 -22.34
C ILE A 102 10.45 17.75 -23.49
N ALA A 103 9.74 16.69 -23.17
CA ALA A 103 9.41 15.69 -24.17
C ALA A 103 8.27 16.18 -25.06
N PRO A 104 8.33 15.91 -26.37
CA PRO A 104 7.22 16.33 -27.25
C PRO A 104 5.89 15.72 -26.88
N SER A 105 5.88 14.55 -26.25
CA SER A 105 4.63 13.90 -25.85
C SER A 105 4.07 14.41 -24.53
N ALA A 106 4.83 15.21 -23.79
CA ALA A 106 4.32 15.83 -22.58
C ALA A 106 3.20 16.80 -22.92
N VAL A 107 2.18 16.84 -22.07
CA VAL A 107 1.01 17.69 -22.28
C VAL A 107 1.04 18.74 -21.17
N ILE A 108 1.39 19.98 -21.54
CA ILE A 108 1.66 21.04 -20.58
C ILE A 108 0.71 22.19 -20.85
N ASP A 109 -0.10 22.55 -19.86
CA ASP A 109 -1.02 23.66 -20.01
C ASP A 109 -0.23 24.94 -20.29
N ALA A 110 -0.76 25.77 -21.17
CA ALA A 110 -0.05 26.97 -21.60
C ALA A 110 0.17 27.96 -20.47
N THR A 111 -0.64 27.90 -19.41
CA THR A 111 -0.49 28.81 -18.28
C THR A 111 0.51 28.31 -17.25
N ALA A 112 1.16 27.17 -17.49
CA ALA A 112 2.17 26.69 -16.56
C ALA A 112 3.40 27.58 -16.62
N LYS A 113 3.99 27.83 -15.44
CA LYS A 113 5.18 28.65 -15.32
C LYS A 113 6.38 27.73 -15.06
N LEU A 114 7.34 27.73 -15.98
CA LEU A 114 8.51 26.88 -15.89
C LEU A 114 9.77 27.72 -15.69
N GLY A 115 10.56 27.34 -14.69
CA GLY A 115 11.84 27.98 -14.48
C GLY A 115 12.86 27.52 -15.51
N ASN A 116 14.11 27.88 -15.26
CA ASN A 116 15.21 27.49 -16.15
C ASN A 116 15.55 26.03 -15.95
N ASN A 117 15.93 25.37 -17.05
CA ASN A 117 16.43 24.00 -17.00
C ASN A 117 15.44 23.05 -16.35
N VAL A 118 14.16 23.17 -16.71
CA VAL A 118 13.14 22.24 -16.26
C VAL A 118 13.04 21.11 -17.26
N SER A 119 13.03 19.87 -16.78
CA SER A 119 12.87 18.69 -17.61
C SER A 119 11.54 18.02 -17.30
N ILE A 120 10.81 17.64 -18.35
CA ILE A 120 9.53 16.98 -18.23
C ILE A 120 9.54 15.76 -19.14
N GLY A 121 9.24 14.59 -18.57
CA GLY A 121 9.35 13.34 -19.30
C GLY A 121 8.15 13.06 -20.19
N ALA A 122 8.31 12.03 -21.01
CA ALA A 122 7.29 11.68 -22.00
C ALA A 122 5.95 11.41 -21.34
N ASN A 123 4.89 11.97 -21.94
CA ASN A 123 3.50 11.76 -21.57
C ASN A 123 3.16 12.24 -20.16
N ALA A 124 4.03 13.02 -19.53
CA ALA A 124 3.64 13.71 -18.31
C ALA A 124 2.56 14.73 -18.64
N VAL A 125 1.74 15.05 -17.64
CA VAL A 125 0.63 15.98 -17.82
C VAL A 125 0.72 17.06 -16.75
N ILE A 126 0.81 18.32 -17.18
CA ILE A 126 0.96 19.46 -16.31
C ILE A 126 -0.28 20.34 -16.46
N GLU A 127 -0.99 20.55 -15.36
CA GLU A 127 -2.25 21.29 -15.38
C GLU A 127 -2.02 22.80 -15.42
N SER A 128 -3.11 23.53 -15.56
CA SER A 128 -3.07 24.98 -15.59
C SER A 128 -2.55 25.54 -14.26
N GLY A 129 -1.84 26.67 -14.35
CA GLY A 129 -1.36 27.38 -13.19
C GLY A 129 -0.19 26.74 -12.46
N VAL A 130 0.28 25.58 -12.91
CA VAL A 130 1.38 24.91 -12.21
C VAL A 130 2.66 25.74 -12.33
N GLU A 131 3.45 25.76 -11.28
CA GLU A 131 4.73 26.47 -11.25
C GLU A 131 5.83 25.47 -10.92
N LEU A 132 6.79 25.34 -11.83
CA LEU A 132 7.93 24.45 -11.65
C LEU A 132 9.20 25.29 -11.56
N GLY A 133 9.86 25.22 -10.41
CA GLY A 133 11.06 25.99 -10.19
C GLY A 133 12.22 25.55 -11.07
N ASP A 134 13.29 26.36 -11.03
CA ASP A 134 14.50 26.04 -11.77
C ASP A 134 14.97 24.63 -11.45
N ASN A 135 15.45 23.92 -12.48
CA ASN A 135 16.09 22.62 -12.34
C ASN A 135 15.13 21.52 -11.88
N VAL A 136 13.82 21.77 -11.88
CA VAL A 136 12.87 20.74 -11.52
C VAL A 136 12.78 19.69 -12.63
N ILE A 137 12.69 18.42 -12.24
CA ILE A 137 12.55 17.32 -13.18
C ILE A 137 11.27 16.58 -12.88
N ILE A 138 10.42 16.43 -13.89
CA ILE A 138 9.18 15.67 -13.79
C ILE A 138 9.34 14.41 -14.64
N GLY A 139 9.14 13.26 -14.01
CA GLY A 139 9.31 12.00 -14.70
C GLY A 139 8.21 11.73 -15.71
N ALA A 140 8.47 10.74 -16.57
CA ALA A 140 7.48 10.31 -17.53
C ALA A 140 6.17 9.92 -16.86
N GLY A 141 5.05 10.28 -17.49
CA GLY A 141 3.74 9.83 -17.04
C GLY A 141 3.20 10.49 -15.80
N CYS A 142 3.90 11.47 -15.22
CA CYS A 142 3.40 12.12 -14.03
C CYS A 142 2.17 12.96 -14.34
N PHE A 143 1.43 13.29 -13.28
CA PHE A 143 0.36 14.29 -13.33
C PHE A 143 0.61 15.29 -12.22
N VAL A 144 0.58 16.58 -12.56
CA VAL A 144 0.69 17.67 -11.60
C VAL A 144 -0.55 18.54 -11.72
N GLY A 145 -1.32 18.63 -10.64
CA GLY A 145 -2.63 19.24 -10.70
C GLY A 145 -2.61 20.77 -10.65
N LYS A 146 -3.79 21.34 -10.84
CA LYS A 146 -3.93 22.78 -11.03
C LYS A 146 -3.28 23.58 -9.91
N ASN A 147 -2.53 24.62 -10.30
CA ASN A 147 -1.97 25.62 -9.41
C ASN A 147 -0.94 25.07 -8.43
N SER A 148 -0.52 23.82 -8.58
CA SER A 148 0.50 23.28 -7.70
C SER A 148 1.85 23.89 -7.99
N LYS A 149 2.68 23.98 -6.96
CA LYS A 149 3.98 24.62 -7.05
C LYS A 149 5.05 23.66 -6.57
N ILE A 150 6.11 23.49 -7.36
CA ILE A 150 7.21 22.60 -7.04
C ILE A 150 8.50 23.41 -7.05
N GLY A 151 9.21 23.40 -5.93
CA GLY A 151 10.36 24.27 -5.75
C GLY A 151 11.59 23.80 -6.50
N ALA A 152 12.55 24.71 -6.61
CA ALA A 152 13.74 24.48 -7.41
C ALA A 152 14.46 23.21 -6.97
N GLY A 153 14.95 22.45 -7.96
CA GLY A 153 15.73 21.25 -7.69
C GLY A 153 14.94 20.00 -7.38
N SER A 154 13.63 20.10 -7.18
CA SER A 154 12.86 18.93 -6.80
C SER A 154 12.58 18.05 -8.02
N ARG A 155 12.49 16.74 -7.77
CA ARG A 155 12.42 15.76 -8.83
C ARG A 155 11.35 14.72 -8.52
N LEU A 156 10.53 14.42 -9.51
CA LEU A 156 9.54 13.35 -9.46
C LEU A 156 9.97 12.26 -10.43
N TRP A 157 10.00 11.01 -9.96
CA TRP A 157 10.22 9.90 -10.85
C TRP A 157 8.96 9.64 -11.67
N ALA A 158 9.00 8.59 -12.50
CA ALA A 158 7.89 8.33 -13.40
C ALA A 158 6.61 8.03 -12.62
N ASN A 159 5.48 8.44 -13.20
CA ASN A 159 4.16 8.01 -12.74
C ASN A 159 3.89 8.44 -11.30
N VAL A 160 4.27 9.67 -10.96
CA VAL A 160 3.88 10.28 -9.69
C VAL A 160 2.65 11.13 -9.93
N THR A 161 1.75 11.19 -8.95
CA THR A 161 0.53 11.97 -9.05
C THR A 161 0.55 13.05 -7.98
N ILE A 162 0.55 14.32 -8.42
CA ILE A 162 0.38 15.47 -7.54
C ILE A 162 -0.97 16.08 -7.88
N TYR A 163 -1.83 16.22 -6.87
CA TYR A 163 -3.12 16.87 -7.06
C TYR A 163 -2.98 18.39 -7.18
N HIS A 164 -4.08 19.11 -6.99
CA HIS A 164 -4.14 20.55 -7.14
C HIS A 164 -3.77 21.27 -5.84
N GLU A 165 -3.30 22.51 -5.99
CA GLU A 165 -2.99 23.39 -4.86
C GLU A 165 -1.98 22.79 -3.90
N ILE A 166 -1.08 21.95 -4.41
CA ILE A 166 -0.05 21.34 -3.58
C ILE A 166 1.21 22.20 -3.66
N GLN A 167 1.92 22.33 -2.53
CA GLN A 167 3.16 23.08 -2.48
C GLN A 167 4.28 22.14 -2.05
N ILE A 168 5.34 22.07 -2.85
CA ILE A 168 6.50 21.25 -2.58
C ILE A 168 7.74 22.14 -2.63
N GLY A 169 8.60 22.01 -1.64
CA GLY A 169 9.78 22.84 -1.52
C GLY A 169 10.90 22.46 -2.47
N GLN A 170 12.11 22.87 -2.11
CA GLN A 170 13.28 22.69 -2.96
C GLN A 170 13.96 21.36 -2.67
N ASN A 171 14.56 20.78 -3.72
CA ASN A 171 15.43 19.61 -3.60
C ASN A 171 14.72 18.41 -2.98
N CYS A 172 13.43 18.25 -3.27
CA CYS A 172 12.71 17.06 -2.86
C CYS A 172 12.85 15.96 -3.90
N LEU A 173 12.49 14.74 -3.51
CA LEU A 173 12.55 13.59 -4.41
C LEU A 173 11.39 12.67 -4.08
N ILE A 174 10.57 12.36 -5.08
CA ILE A 174 9.37 11.54 -4.90
C ILE A 174 9.45 10.35 -5.85
N GLN A 175 9.33 9.14 -5.29
CA GLN A 175 9.46 7.92 -6.07
C GLN A 175 8.12 7.57 -6.72
N SER A 176 8.18 6.64 -7.67
CA SER A 176 7.05 6.36 -8.55
C SER A 176 5.87 5.78 -7.79
N GLY A 177 4.68 6.04 -8.33
CA GLY A 177 3.45 5.48 -7.79
C GLY A 177 2.86 6.26 -6.64
N THR A 178 3.57 7.26 -6.13
CA THR A 178 3.12 8.01 -4.98
C THR A 178 2.05 9.03 -5.38
N VAL A 179 1.14 9.30 -4.45
CA VAL A 179 0.02 10.22 -4.69
C VAL A 179 0.02 11.26 -3.57
N VAL A 180 0.21 12.52 -3.95
CA VAL A 180 0.22 13.62 -2.98
C VAL A 180 -1.01 14.50 -3.21
N GLY A 181 -1.88 14.58 -2.21
CA GLY A 181 -2.98 15.51 -2.26
C GLY A 181 -4.35 14.95 -2.56
N ALA A 182 -4.54 13.63 -2.48
CA ALA A 182 -5.88 13.08 -2.64
C ALA A 182 -6.78 13.56 -1.50
N ASP A 183 -8.09 13.40 -1.70
CA ASP A 183 -9.06 13.73 -0.66
C ASP A 183 -8.76 12.94 0.62
N GLY A 184 -8.72 13.64 1.75
CA GLY A 184 -8.76 12.97 3.03
C GLY A 184 -10.06 12.22 3.21
N PHE A 185 -10.07 11.34 4.21
CA PHE A 185 -11.18 10.42 4.44
C PHE A 185 -12.23 11.09 5.34
N GLY A 186 -12.86 12.12 4.80
CA GLY A 186 -13.77 12.94 5.58
C GLY A 186 -15.22 12.86 5.14
N TYR A 187 -16.11 12.46 6.06
CA TYR A 187 -17.52 12.28 5.73
C TYR A 187 -18.36 12.61 6.95
N ALA A 188 -19.49 13.28 6.70
CA ALA A 188 -20.55 13.37 7.69
C ALA A 188 -21.54 12.23 7.46
N ASN A 189 -22.47 12.08 8.40
CA ASN A 189 -23.46 11.01 8.32
C ASN A 189 -24.86 11.62 8.40
N ASP A 190 -25.69 11.30 7.41
CA ASP A 190 -27.07 11.79 7.34
C ASP A 190 -27.99 10.57 7.34
N ARG A 191 -28.31 10.08 8.54
CA ARG A 191 -29.19 8.92 8.72
C ARG A 191 -28.63 7.68 8.00
N GLY A 192 -27.42 7.30 8.40
CA GLY A 192 -26.75 6.15 7.83
C GLY A 192 -26.06 6.40 6.51
N ASN A 193 -26.38 7.48 5.82
CA ASN A 193 -25.76 7.79 4.53
C ASN A 193 -24.54 8.67 4.72
N TRP A 194 -23.42 8.26 4.14
CA TRP A 194 -22.21 9.07 4.21
C TRP A 194 -22.34 10.27 3.29
N VAL A 195 -22.02 11.46 3.82
CA VAL A 195 -22.08 12.70 3.07
C VAL A 195 -20.65 13.21 2.94
N LYS A 196 -20.16 13.31 1.71
CA LYS A 196 -18.77 13.69 1.49
C LYS A 196 -18.52 15.10 1.99
N ILE A 197 -17.43 15.27 2.73
CA ILE A 197 -16.92 16.59 3.11
C ILE A 197 -15.82 16.94 2.11
N PRO A 198 -16.04 17.86 1.17
CA PRO A 198 -14.95 18.25 0.26
C PRO A 198 -13.72 18.61 1.06
N GLN A 199 -12.56 18.20 0.57
CA GLN A 199 -11.29 18.37 1.27
C GLN A 199 -10.53 19.48 0.56
N ILE A 200 -10.75 20.72 1.02
CA ILE A 200 -10.24 21.89 0.32
C ILE A 200 -9.00 22.47 1.01
N GLY A 201 -8.47 21.78 2.00
CA GLY A 201 -7.13 22.05 2.45
C GLY A 201 -6.12 21.57 1.42
N ARG A 202 -4.85 21.66 1.80
CA ARG A 202 -3.76 21.34 0.88
C ARG A 202 -2.74 20.38 1.49
N VAL A 203 -1.65 20.14 0.79
CA VAL A 203 -0.45 19.53 1.36
C VAL A 203 0.69 20.52 1.16
N ILE A 204 1.42 20.80 2.24
CA ILE A 204 2.63 21.61 2.19
C ILE A 204 3.80 20.71 2.53
N ILE A 205 4.71 20.53 1.57
CA ILE A 205 5.91 19.73 1.77
C ILE A 205 7.10 20.68 1.78
N GLY A 206 7.96 20.55 2.78
CA GLY A 206 9.09 21.44 2.95
C GLY A 206 10.22 21.16 1.97
N ASP A 207 11.42 21.60 2.36
CA ASP A 207 12.62 21.39 1.56
C ASP A 207 13.29 20.07 1.95
N ARG A 208 13.98 19.47 0.97
CA ARG A 208 14.82 18.29 1.20
C ARG A 208 14.00 17.11 1.73
N VAL A 209 12.78 16.95 1.22
CA VAL A 209 11.90 15.87 1.61
C VAL A 209 12.03 14.74 0.58
N GLU A 210 12.17 13.52 1.05
CA GLU A 210 12.20 12.35 0.19
C GLU A 210 11.04 11.43 0.54
N ILE A 211 10.24 11.07 -0.46
CA ILE A 211 9.07 10.23 -0.29
C ILE A 211 9.19 9.00 -1.19
N GLY A 212 8.90 7.84 -0.62
CA GLY A 212 9.03 6.57 -1.33
C GLY A 212 7.97 6.31 -2.37
N ALA A 213 7.85 5.05 -2.78
CA ALA A 213 6.96 4.65 -3.85
C ALA A 213 5.64 4.13 -3.29
N CYS A 214 4.55 4.38 -4.04
CA CYS A 214 3.21 3.97 -3.65
C CYS A 214 2.88 4.43 -2.23
N THR A 215 3.34 5.63 -1.88
CA THR A 215 2.93 6.28 -0.65
C THR A 215 1.85 7.32 -0.96
N THR A 216 0.95 7.54 0.00
CA THR A 216 -0.16 8.47 -0.20
C THR A 216 -0.16 9.49 0.93
N ILE A 217 -0.31 10.76 0.55
CA ILE A 217 -0.35 11.87 1.50
C ILE A 217 -1.57 12.70 1.15
N ASP A 218 -2.61 12.62 1.98
CA ASP A 218 -3.88 13.28 1.68
C ASP A 218 -3.80 14.76 1.99
N ARG A 219 -4.58 15.54 1.22
CA ARG A 219 -4.73 16.95 1.50
C ARG A 219 -5.61 17.16 2.74
N GLY A 220 -5.48 18.35 3.36
CA GLY A 220 -6.27 18.65 4.55
C GLY A 220 -7.72 18.96 4.23
N ALA A 221 -8.54 18.93 5.28
CA ALA A 221 -9.96 19.20 5.14
C ALA A 221 -10.23 20.67 4.87
N LEU A 222 -9.59 21.55 5.65
CA LEU A 222 -9.72 23.00 5.49
C LEU A 222 -8.34 23.64 5.57
N ASP A 223 -7.64 23.38 6.66
CA ASP A 223 -6.22 23.72 6.74
C ASP A 223 -5.42 22.53 6.21
N ASP A 224 -4.10 22.54 6.39
CA ASP A 224 -3.22 21.75 5.54
C ASP A 224 -2.57 20.57 6.25
N THR A 225 -2.33 19.52 5.46
CA THR A 225 -1.36 18.50 5.81
C THR A 225 0.04 19.07 5.58
N ILE A 226 0.94 18.89 6.55
CA ILE A 226 2.23 19.55 6.53
C ILE A 226 3.34 18.53 6.76
N ILE A 227 4.31 18.49 5.84
CA ILE A 227 5.49 17.66 5.97
C ILE A 227 6.69 18.58 6.15
N GLY A 228 7.40 18.42 7.26
CA GLY A 228 8.50 19.30 7.58
C GLY A 228 9.70 19.13 6.66
N ASN A 229 10.66 20.02 6.83
CA ASN A 229 11.90 19.95 6.06
C ASN A 229 12.72 18.74 6.48
N GLY A 230 13.43 18.15 5.52
CA GLY A 230 14.33 17.05 5.80
C GLY A 230 13.66 15.75 6.16
N VAL A 231 12.34 15.66 6.06
CA VAL A 231 11.63 14.44 6.38
C VAL A 231 11.88 13.40 5.29
N ILE A 232 11.98 12.14 5.70
CA ILE A 232 12.10 11.02 4.77
C ILE A 232 10.98 10.03 5.07
N ILE A 233 10.28 9.60 4.01
CA ILE A 233 9.14 8.69 4.13
C ILE A 233 9.36 7.55 3.16
N ASP A 234 9.17 6.33 3.63
CA ASP A 234 9.46 5.11 2.88
C ASP A 234 8.26 4.75 2.00
N ASN A 235 8.25 3.53 1.45
CA ASN A 235 7.17 3.09 0.57
C ASN A 235 5.93 2.70 1.36
N GLN A 236 4.79 2.64 0.66
CA GLN A 236 3.53 2.08 1.15
C GLN A 236 3.02 2.78 2.40
N CYS A 237 3.36 4.05 2.61
CA CYS A 237 2.90 4.78 3.78
C CYS A 237 1.60 5.52 3.50
N GLN A 238 0.78 5.67 4.54
CA GLN A 238 -0.43 6.48 4.47
C GLN A 238 -0.31 7.60 5.47
N ILE A 239 -0.40 8.84 4.99
CA ILE A 239 -0.38 10.03 5.82
C ILE A 239 -1.72 10.72 5.61
N ALA A 240 -2.61 10.62 6.60
CA ALA A 240 -3.98 11.09 6.46
C ALA A 240 -4.04 12.62 6.50
N HIS A 241 -5.24 13.14 6.26
CA HIS A 241 -5.43 14.59 6.18
C HIS A 241 -5.09 15.27 7.50
N ASN A 242 -4.45 16.43 7.39
CA ASN A 242 -4.13 17.31 8.51
C ASN A 242 -3.11 16.69 9.46
N VAL A 243 -2.38 15.67 9.02
CA VAL A 243 -1.20 15.23 9.76
C VAL A 243 -0.11 16.28 9.63
N VAL A 244 0.65 16.48 10.70
CA VAL A 244 1.79 17.40 10.70
C VAL A 244 3.01 16.62 11.16
N ILE A 245 4.06 16.64 10.35
CA ILE A 245 5.29 15.91 10.65
C ILE A 245 6.42 16.92 10.79
N GLY A 246 7.09 16.89 11.94
CA GLY A 246 8.17 17.82 12.22
C GLY A 246 9.43 17.53 11.42
N ASP A 247 10.31 18.53 11.40
CA ASP A 247 11.52 18.46 10.58
C ASP A 247 12.38 17.25 10.95
N ASN A 248 12.97 16.64 9.92
CA ASN A 248 13.99 15.59 10.03
C ASN A 248 13.45 14.27 10.57
N THR A 249 12.13 14.12 10.67
CA THR A 249 11.56 12.86 11.10
C THR A 249 11.61 11.84 9.96
N ALA A 250 11.77 10.57 10.33
CA ALA A 250 11.85 9.46 9.39
C ALA A 250 10.69 8.51 9.62
N VAL A 251 10.01 8.11 8.53
CA VAL A 251 8.89 7.19 8.57
C VAL A 251 9.23 5.99 7.68
N ALA A 252 9.29 4.81 8.27
CA ALA A 252 9.68 3.63 7.51
C ALA A 252 8.49 3.04 6.76
N GLY A 253 8.73 1.94 6.05
CA GLY A 253 7.76 1.44 5.09
C GLY A 253 6.48 0.96 5.75
N GLY A 254 5.36 1.16 5.05
CA GLY A 254 4.09 0.58 5.45
C GLY A 254 3.46 1.19 6.67
N VAL A 255 3.88 2.39 7.08
CA VAL A 255 3.31 3.04 8.25
C VAL A 255 1.97 3.68 7.87
N ILE A 256 0.99 3.55 8.75
CA ILE A 256 -0.35 4.09 8.53
C ILE A 256 -0.62 5.11 9.64
N MET A 257 -0.92 6.34 9.24
CA MET A 257 -1.22 7.41 10.19
C MET A 257 -2.64 7.92 10.01
N ALA A 258 -3.35 8.10 11.13
CA ALA A 258 -4.70 8.63 11.10
C ALA A 258 -4.68 10.15 11.09
N GLY A 259 -5.84 10.74 10.84
CA GLY A 259 -5.93 12.17 10.62
C GLY A 259 -5.60 12.98 11.87
N SER A 260 -5.02 14.16 11.64
CA SER A 260 -4.73 15.16 12.65
C SER A 260 -3.70 14.70 13.68
N LEU A 261 -2.93 13.67 13.36
CA LEU A 261 -1.78 13.34 14.17
C LEU A 261 -0.70 14.41 14.00
N LYS A 262 -0.01 14.73 15.10
CA LYS A 262 1.13 15.63 15.05
C LYS A 262 2.35 14.87 15.56
N ILE A 263 3.37 14.80 14.71
CA ILE A 263 4.66 14.16 15.05
C ILE A 263 5.71 15.25 15.15
N GLY A 264 6.56 15.15 16.18
CA GLY A 264 7.61 16.13 16.39
C GLY A 264 8.79 15.94 15.47
N ARG A 265 9.89 16.60 15.81
CA ARG A 265 11.13 16.55 15.06
C ARG A 265 11.99 15.36 15.48
N TYR A 266 12.88 14.94 14.57
CA TYR A 266 13.87 13.90 14.85
C TYR A 266 13.24 12.62 15.38
N CYS A 267 12.04 12.31 14.92
CA CYS A 267 11.40 11.05 15.29
C CYS A 267 11.77 9.96 14.28
N MET A 268 11.52 8.72 14.67
CA MET A 268 11.79 7.57 13.82
C MET A 268 10.67 6.57 14.02
N ILE A 269 9.84 6.40 13.00
CA ILE A 269 8.66 5.54 13.08
C ILE A 269 8.99 4.25 12.34
N GLY A 270 9.07 3.13 13.09
CA GLY A 270 9.44 1.87 12.51
C GLY A 270 8.39 1.33 11.55
N GLY A 271 8.84 0.43 10.68
CA GLY A 271 7.97 -0.05 9.61
C GLY A 271 6.71 -0.72 10.13
N ALA A 272 5.63 -0.54 9.38
CA ALA A 272 4.34 -1.19 9.63
C ALA A 272 3.69 -0.73 10.93
N SER A 273 4.19 0.35 11.53
CA SER A 273 3.54 0.92 12.69
C SER A 273 2.18 1.51 12.31
N VAL A 274 1.30 1.62 13.30
CA VAL A 274 -0.02 2.20 13.14
C VAL A 274 -0.16 3.29 14.20
N ILE A 275 -0.33 4.53 13.76
CA ILE A 275 -0.39 5.68 14.66
C ILE A 275 -1.77 6.31 14.57
N ASN A 276 -2.46 6.36 15.69
CA ASN A 276 -3.79 6.92 15.70
C ASN A 276 -3.73 8.44 15.73
N GLY A 277 -4.88 9.09 15.51
CA GLY A 277 -4.94 10.50 15.23
C GLY A 277 -5.42 11.34 16.40
N HIS A 278 -5.53 12.64 16.11
CA HIS A 278 -5.97 13.63 17.09
C HIS A 278 -5.13 13.54 18.37
N MET A 279 -3.83 13.42 18.19
CA MET A 279 -2.89 13.29 19.31
C MET A 279 -1.51 13.71 18.82
N GLU A 280 -0.58 13.83 19.76
CA GLU A 280 0.74 14.35 19.44
C GLU A 280 1.83 13.40 19.93
N ILE A 281 2.88 13.29 19.12
CA ILE A 281 4.11 12.61 19.50
C ILE A 281 5.20 13.67 19.59
N CYS A 282 5.92 13.70 20.71
CA CYS A 282 6.91 14.74 20.94
C CYS A 282 8.18 14.47 20.16
N ASP A 283 9.13 15.40 20.24
CA ASP A 283 10.39 15.26 19.53
C ASP A 283 11.16 14.04 20.02
N LYS A 284 11.96 13.47 19.12
CA LYS A 284 12.96 12.46 19.46
C LYS A 284 12.32 11.19 20.03
N VAL A 285 11.25 10.74 19.38
CA VAL A 285 10.59 9.49 19.74
C VAL A 285 10.88 8.46 18.66
N THR A 286 11.26 7.25 19.08
CA THR A 286 11.42 6.12 18.19
C THR A 286 10.36 5.07 18.53
N VAL A 287 9.63 4.63 17.50
CA VAL A 287 8.64 3.57 17.62
C VAL A 287 9.16 2.39 16.82
N THR A 288 9.31 1.24 17.47
CA THR A 288 9.83 0.06 16.79
C THR A 288 8.77 -0.55 15.88
N GLY A 289 9.21 -1.46 15.00
CA GLY A 289 8.35 -2.03 13.99
C GLY A 289 7.02 -2.54 14.47
N MET A 290 5.96 -2.29 13.70
CA MET A 290 4.61 -2.75 13.98
C MET A 290 4.03 -2.14 15.24
N GLY A 291 4.60 -1.01 15.69
CA GLY A 291 4.11 -0.38 16.91
C GLY A 291 2.65 0.04 16.78
N MET A 292 1.89 -0.23 17.84
CA MET A 292 0.47 0.14 17.90
C MET A 292 0.35 1.36 18.81
N VAL A 293 0.23 2.54 18.21
CA VAL A 293 0.32 3.80 18.94
C VAL A 293 -1.10 4.33 19.11
N MET A 294 -1.63 4.19 20.32
CA MET A 294 -2.99 4.64 20.64
C MET A 294 -3.01 5.91 21.47
N ARG A 295 -1.96 6.18 22.24
CA ARG A 295 -1.93 7.28 23.19
C ARG A 295 -0.87 8.30 22.78
N PRO A 296 -1.04 9.56 23.20
CA PRO A 296 0.01 10.55 22.94
C PRO A 296 1.32 10.14 23.61
N ILE A 297 2.43 10.55 23.01
CA ILE A 297 3.76 10.31 23.57
C ILE A 297 4.34 11.68 23.94
N THR A 298 4.69 11.83 25.22
CA THR A 298 5.14 13.10 25.76
C THR A 298 6.59 13.09 26.23
N GLU A 299 7.25 11.94 26.24
CA GLU A 299 8.65 11.85 26.61
C GLU A 299 9.45 11.20 25.50
N PRO A 300 10.62 11.73 25.18
CA PRO A 300 11.47 11.09 24.16
C PRO A 300 11.91 9.70 24.62
N GLY A 301 12.33 8.89 23.64
CA GLY A 301 12.79 7.55 23.92
C GLY A 301 12.22 6.56 22.93
N VAL A 302 12.46 5.28 23.20
CA VAL A 302 12.08 4.18 22.31
C VAL A 302 10.85 3.49 22.89
N TYR A 303 9.85 3.25 22.05
CA TYR A 303 8.59 2.63 22.45
C TYR A 303 8.29 1.46 21.53
N SER A 304 7.63 0.43 22.08
CA SER A 304 7.44 -0.81 21.35
C SER A 304 6.12 -1.47 21.75
N SER A 305 5.63 -2.36 20.89
CA SER A 305 4.44 -3.14 21.18
C SER A 305 4.48 -4.44 20.38
N GLY A 306 3.60 -5.37 20.74
CA GLY A 306 3.43 -6.60 20.00
C GLY A 306 4.05 -7.79 20.71
N ILE A 307 3.38 -8.94 20.58
CA ILE A 307 3.89 -10.21 21.09
C ILE A 307 4.57 -10.93 19.92
N PRO A 308 5.86 -11.22 19.99
CA PRO A 308 6.57 -11.72 18.81
C PRO A 308 6.25 -13.17 18.47
N LEU A 309 6.82 -13.58 17.33
CA LEU A 309 6.57 -14.89 16.74
C LEU A 309 6.95 -16.03 17.68
N GLN A 310 6.19 -17.11 17.59
CA GLN A 310 6.49 -18.37 18.26
C GLN A 310 6.13 -19.49 17.32
N PRO A 311 6.64 -20.71 17.56
CA PRO A 311 6.15 -21.86 16.82
C PRO A 311 4.63 -21.97 16.95
N ASN A 312 3.97 -22.36 15.86
CA ASN A 312 2.52 -22.33 15.83
C ASN A 312 1.92 -23.09 17.01
N LYS A 313 2.45 -24.28 17.32
CA LYS A 313 1.94 -25.04 18.45
C LYS A 313 2.03 -24.24 19.74
N VAL A 314 3.14 -23.53 19.95
CA VAL A 314 3.29 -22.70 21.14
C VAL A 314 2.36 -21.50 21.08
N TRP A 315 2.25 -20.87 19.91
CA TRP A 315 1.40 -19.68 19.81
C TRP A 315 -0.04 -20.00 20.18
N ARG A 316 -0.56 -21.15 19.73
CA ARG A 316 -1.94 -21.51 20.03
C ARG A 316 -2.21 -21.40 21.53
N LYS A 317 -1.28 -21.91 22.34
CA LYS A 317 -1.47 -21.89 23.79
C LYS A 317 -1.30 -20.49 24.35
N THR A 318 -0.31 -19.75 23.85
CA THR A 318 -0.09 -18.38 24.29
C THR A 318 -1.32 -17.51 24.05
N ALA A 319 -1.85 -17.55 22.83
CA ALA A 319 -2.99 -16.70 22.49
C ALA A 319 -4.23 -17.07 23.31
N ALA A 320 -4.46 -18.37 23.50
CA ALA A 320 -5.64 -18.79 24.26
C ALA A 320 -5.55 -18.33 25.72
N LEU A 321 -4.38 -18.47 26.34
CA LEU A 321 -4.22 -18.03 27.72
C LEU A 321 -4.34 -16.50 27.83
N VAL A 322 -3.78 -15.78 26.87
CA VAL A 322 -3.87 -14.32 26.89
C VAL A 322 -5.33 -13.88 26.77
N MET A 323 -6.08 -14.51 25.86
CA MET A 323 -7.48 -14.12 25.68
C MET A 323 -8.32 -14.43 26.91
N ASN A 324 -7.87 -15.33 27.76
CA ASN A 324 -8.56 -15.66 29.01
C ASN A 324 -7.81 -15.11 30.22
N ILE A 325 -7.02 -14.05 30.02
CA ILE A 325 -6.18 -13.56 31.10
C ILE A 325 -7.03 -12.95 32.21
N ASP A 326 -8.23 -12.47 31.89
CA ASP A 326 -9.11 -11.95 32.94
C ASP A 326 -9.50 -13.05 33.93
N ASP A 327 -9.75 -14.26 33.42
CA ASP A 327 -10.04 -15.36 34.33
C ASP A 327 -8.82 -15.71 35.17
N MET A 328 -7.62 -15.67 34.57
CA MET A 328 -6.40 -15.84 35.35
C MET A 328 -6.29 -14.80 36.46
N SER A 329 -6.55 -13.54 36.13
CA SER A 329 -6.49 -12.48 37.12
C SER A 329 -7.50 -12.71 38.24
N LYS A 330 -8.73 -13.10 37.89
CA LYS A 330 -9.74 -13.35 38.91
C LYS A 330 -9.34 -14.51 39.81
N ARG A 331 -8.81 -15.59 39.22
CA ARG A 331 -8.36 -16.72 40.03
C ARG A 331 -7.22 -16.31 40.96
N LEU A 332 -6.30 -15.48 40.47
CA LEU A 332 -5.21 -15.02 41.34
C LEU A 332 -5.75 -14.17 42.48
N LYS A 333 -6.67 -13.25 42.19
CA LYS A 333 -7.29 -12.46 43.24
C LYS A 333 -7.99 -13.36 44.26
N SER A 334 -8.69 -14.39 43.79
CA SER A 334 -9.36 -15.31 44.70
C SER A 334 -8.36 -16.04 45.59
N LEU A 335 -7.27 -16.53 44.99
CA LEU A 335 -6.25 -17.24 45.74
C LEU A 335 -5.62 -16.33 46.81
N GLU A 336 -5.36 -15.07 46.46
CA GLU A 336 -4.86 -14.13 47.45
C GLU A 336 -5.84 -13.97 48.60
N ARG A 337 -7.13 -13.83 48.30
CA ARG A 337 -8.13 -13.67 49.35
C ARG A 337 -8.18 -14.91 50.26
N LYS A 338 -8.03 -16.09 49.68
CA LYS A 338 -8.13 -17.32 50.47
C LYS A 338 -6.92 -17.50 51.39
N VAL A 339 -5.74 -17.14 50.90
CA VAL A 339 -4.52 -17.29 51.70
C VAL A 339 -4.47 -16.24 52.81
N GLY B 4 -19.28 30.98 -8.03
CA GLY B 4 -18.88 30.39 -6.76
C GLY B 4 -19.44 31.20 -5.58
N SER B 5 -19.28 32.52 -5.64
CA SER B 5 -19.74 33.38 -4.55
C SER B 5 -21.26 33.39 -4.47
N ILE B 6 -21.77 33.54 -3.26
CA ILE B 6 -23.20 33.43 -3.00
C ILE B 6 -23.57 34.37 -1.86
N ARG B 7 -24.73 35.02 -1.97
CA ARG B 7 -25.23 35.85 -0.89
C ARG B 7 -25.55 35.00 0.33
N LEU B 8 -25.25 35.54 1.51
CA LEU B 8 -25.48 34.79 2.74
C LEU B 8 -26.95 34.35 2.85
N ALA B 9 -27.88 35.23 2.50
CA ALA B 9 -29.29 34.87 2.59
C ALA B 9 -29.62 33.68 1.71
N ASP B 10 -29.09 33.64 0.49
CA ASP B 10 -29.34 32.51 -0.41
C ASP B 10 -28.66 31.25 0.12
N LEU B 11 -27.44 31.36 0.63
CA LEU B 11 -26.79 30.21 1.24
C LEU B 11 -27.61 29.68 2.41
N ALA B 12 -28.08 30.58 3.28
CA ALA B 12 -28.89 30.15 4.41
C ALA B 12 -30.13 29.40 3.96
N GLN B 13 -30.78 29.89 2.89
CA GLN B 13 -31.97 29.23 2.37
C GLN B 13 -31.66 27.83 1.89
N GLN B 14 -30.56 27.67 1.15
CA GLN B 14 -30.22 26.35 0.61
C GLN B 14 -29.82 25.37 1.71
N LEU B 15 -29.33 25.87 2.84
CA LEU B 15 -28.97 25.05 3.98
C LEU B 15 -30.13 24.84 4.95
N ASP B 16 -31.29 25.47 4.69
CA ASP B 16 -32.42 25.44 5.61
C ASP B 16 -32.00 25.93 6.99
N ALA B 17 -31.27 27.03 7.02
CA ALA B 17 -30.74 27.61 8.24
C ALA B 17 -31.41 28.94 8.53
N GLU B 18 -31.50 29.27 9.82
CA GLU B 18 -32.05 30.56 10.26
C GLU B 18 -30.94 31.60 10.23
N LEU B 19 -31.13 32.65 9.42
CA LEU B 19 -30.12 33.68 9.30
C LEU B 19 -30.31 34.73 10.40
N HIS B 20 -29.22 35.07 11.08
CA HIS B 20 -29.16 36.22 11.98
C HIS B 20 -28.00 37.09 11.50
N GLY B 21 -28.33 38.25 10.92
CA GLY B 21 -27.34 39.15 10.40
C GLY B 21 -27.68 39.58 8.98
N ASP B 22 -26.69 40.15 8.31
CA ASP B 22 -26.87 40.80 7.02
C ASP B 22 -26.87 39.76 5.91
N GLY B 23 -28.04 39.51 5.32
CA GLY B 23 -28.14 38.53 4.24
C GLY B 23 -27.43 38.93 2.97
N ASP B 24 -27.11 40.21 2.79
CA ASP B 24 -26.43 40.66 1.58
C ASP B 24 -24.93 40.39 1.60
N ILE B 25 -24.39 39.90 2.72
CA ILE B 25 -22.98 39.55 2.76
C ILE B 25 -22.69 38.50 1.70
N VAL B 26 -21.56 38.68 1.00
CA VAL B 26 -21.15 37.79 -0.08
C VAL B 26 -20.15 36.79 0.50
N ILE B 27 -20.52 35.51 0.45
CA ILE B 27 -19.67 34.42 0.93
C ILE B 27 -18.93 33.84 -0.27
N THR B 28 -17.61 33.76 -0.18
CA THR B 28 -16.79 33.27 -1.27
C THR B 28 -16.25 31.87 -1.04
N GLY B 29 -16.30 31.36 0.19
CA GLY B 29 -15.82 30.01 0.44
C GLY B 29 -15.88 29.66 1.90
N VAL B 30 -15.46 28.44 2.20
CA VAL B 30 -15.45 27.89 3.55
C VAL B 30 -14.03 27.90 4.08
N ALA B 31 -13.88 28.10 5.39
CA ALA B 31 -12.59 28.12 6.03
C ALA B 31 -12.74 27.67 7.47
N SER B 32 -11.63 27.23 8.07
CA SER B 32 -11.63 26.91 9.48
C SER B 32 -11.80 28.18 10.32
N MET B 33 -12.24 27.99 11.56
CA MET B 33 -12.44 29.14 12.43
C MET B 33 -11.15 29.95 12.59
N GLN B 34 -10.01 29.26 12.69
CA GLN B 34 -8.74 29.94 12.89
C GLN B 34 -8.27 30.67 11.63
N SER B 35 -8.60 30.14 10.45
CA SER B 35 -8.09 30.69 9.20
C SER B 35 -9.07 31.62 8.49
N ALA B 36 -10.33 31.66 8.91
CA ALA B 36 -11.35 32.35 8.13
C ALA B 36 -11.15 33.86 8.15
N GLN B 37 -11.37 34.48 6.98
CA GLN B 37 -11.28 35.93 6.82
C GLN B 37 -12.56 36.46 6.19
N THR B 38 -12.58 37.74 5.83
CA THR B 38 -13.77 38.33 5.24
C THR B 38 -14.18 37.54 4.01
N GLY B 39 -15.49 37.28 3.89
CA GLY B 39 -16.02 36.51 2.79
C GLY B 39 -16.10 35.02 3.04
N HIS B 40 -15.45 34.53 4.09
CA HIS B 40 -15.51 33.11 4.42
C HIS B 40 -16.65 32.84 5.39
N ILE B 41 -17.27 31.67 5.23
CA ILE B 41 -18.18 31.13 6.23
C ILE B 41 -17.46 30.00 6.94
N THR B 42 -17.64 29.92 8.26
CA THR B 42 -17.05 28.82 9.02
C THR B 42 -18.14 28.21 9.89
N PHE B 43 -17.75 27.37 10.85
CA PHE B 43 -18.72 26.69 11.68
C PHE B 43 -18.12 26.42 13.04
N MET B 44 -19.00 26.24 14.04
CA MET B 44 -18.58 25.89 15.39
C MET B 44 -19.36 24.67 15.84
N VAL B 45 -18.63 23.61 16.18
CA VAL B 45 -19.23 22.42 16.76
C VAL B 45 -18.93 22.29 18.25
N ASN B 46 -17.90 22.97 18.76
CA ASN B 46 -17.48 22.85 20.15
C ASN B 46 -17.81 24.14 20.90
N PRO B 47 -18.77 24.12 21.83
CA PRO B 47 -19.14 25.37 22.53
C PRO B 47 -18.00 25.99 23.35
N LYS B 48 -16.90 25.28 23.56
CA LYS B 48 -15.77 25.89 24.27
C LYS B 48 -15.21 27.07 23.51
N TYR B 49 -15.52 27.20 22.22
CA TYR B 49 -15.00 28.30 21.41
C TYR B 49 -15.91 29.51 21.41
N ARG B 50 -17.02 29.48 22.16
CA ARG B 50 -17.89 30.65 22.24
C ARG B 50 -17.13 31.90 22.65
N GLU B 51 -16.29 31.78 23.67
CA GLU B 51 -15.48 32.91 24.11
C GLU B 51 -14.46 33.33 23.06
N HIS B 52 -14.22 32.48 22.06
CA HIS B 52 -13.21 32.71 21.04
C HIS B 52 -13.78 33.33 19.76
N LEU B 53 -15.10 33.44 19.64
CA LEU B 53 -15.69 33.89 18.38
C LEU B 53 -15.26 35.30 18.02
N GLY B 54 -14.93 36.13 19.02
CA GLY B 54 -14.42 37.47 18.75
C GLY B 54 -13.05 37.49 18.10
N LEU B 55 -12.34 36.37 18.12
CA LEU B 55 -11.06 36.24 17.44
C LEU B 55 -11.18 35.63 16.04
N CYS B 56 -12.37 35.17 15.67
CA CYS B 56 -12.63 34.63 14.34
C CYS B 56 -13.11 35.75 13.43
N GLN B 57 -12.50 35.86 12.25
CA GLN B 57 -12.81 36.95 11.33
C GLN B 57 -13.61 36.48 10.12
N ALA B 58 -14.30 35.34 10.23
CA ALA B 58 -15.25 34.94 9.20
C ALA B 58 -16.38 35.96 9.09
N SER B 59 -16.97 36.03 7.89
CA SER B 59 -18.15 36.86 7.71
C SER B 59 -19.40 36.23 8.28
N ALA B 60 -19.41 34.90 8.47
CA ALA B 60 -20.56 34.23 9.04
C ALA B 60 -20.08 32.94 9.70
N VAL B 61 -20.81 32.52 10.74
CA VAL B 61 -20.50 31.30 11.47
C VAL B 61 -21.77 30.46 11.61
N VAL B 62 -21.67 29.18 11.30
CA VAL B 62 -22.76 28.22 11.50
C VAL B 62 -22.67 27.71 12.94
N MET B 63 -23.81 27.72 13.63
CA MET B 63 -23.82 27.38 15.05
C MET B 63 -25.23 26.94 15.44
N THR B 64 -25.40 26.56 16.70
CA THR B 64 -26.71 26.17 17.22
C THR B 64 -27.42 27.36 17.86
N GLN B 65 -28.70 27.15 18.17
CA GLN B 65 -29.48 28.15 18.88
C GLN B 65 -28.84 28.49 20.21
N ASP B 66 -28.30 27.49 20.91
CA ASP B 66 -27.65 27.73 22.19
C ASP B 66 -26.40 28.59 22.03
N ASP B 67 -25.75 28.52 20.86
CA ASP B 67 -24.57 29.33 20.60
C ASP B 67 -24.92 30.79 20.33
N LEU B 68 -26.11 31.05 19.79
CA LEU B 68 -26.41 32.35 19.20
C LEU B 68 -26.09 33.54 20.11
N PRO B 69 -26.36 33.51 21.42
CA PRO B 69 -26.04 34.68 22.25
C PRO B 69 -24.56 35.02 22.27
N PHE B 70 -23.69 34.07 21.91
CA PHE B 70 -22.25 34.26 21.95
C PHE B 70 -21.68 34.72 20.61
N ALA B 71 -22.52 34.95 19.61
CA ALA B 71 -22.02 35.30 18.28
C ALA B 71 -21.41 36.69 18.27
N LYS B 72 -20.38 36.85 17.43
CA LYS B 72 -19.78 38.14 17.10
C LYS B 72 -19.65 38.26 15.60
N SER B 73 -20.74 37.96 14.89
CA SER B 73 -20.79 37.94 13.44
C SER B 73 -22.20 37.51 13.06
N ALA B 74 -22.50 37.63 11.76
CA ALA B 74 -23.69 36.98 11.23
C ALA B 74 -23.64 35.49 11.54
N ALA B 75 -24.78 34.91 11.90
CA ALA B 75 -24.83 33.51 12.29
C ALA B 75 -25.91 32.79 11.50
N LEU B 76 -25.63 31.55 11.12
CA LEU B 76 -26.63 30.64 10.57
C LEU B 76 -26.92 29.59 11.64
N VAL B 77 -28.15 29.58 12.14
CA VAL B 77 -28.52 28.68 13.23
C VAL B 77 -29.13 27.42 12.63
N VAL B 78 -28.60 26.26 13.02
CA VAL B 78 -29.04 24.96 12.53
C VAL B 78 -29.03 23.97 13.70
N LYS B 79 -29.64 22.82 13.48
CA LYS B 79 -29.61 21.75 14.47
C LYS B 79 -28.28 21.01 14.47
N ASN B 80 -27.66 20.85 13.30
CA ASN B 80 -26.48 20.01 13.13
C ASN B 80 -25.41 20.81 12.38
N PRO B 81 -24.61 21.60 13.10
CA PRO B 81 -23.57 22.39 12.41
C PRO B 81 -22.61 21.56 11.58
N TYR B 82 -22.27 20.34 12.03
CA TYR B 82 -21.32 19.53 11.30
C TYR B 82 -21.90 19.08 9.95
N LEU B 83 -23.15 18.62 9.95
CA LEU B 83 -23.80 18.24 8.69
C LEU B 83 -23.98 19.45 7.79
N THR B 84 -24.38 20.59 8.36
CA THR B 84 -24.51 21.81 7.58
C THR B 84 -23.18 22.21 6.97
N TYR B 85 -22.08 21.99 7.71
CA TYR B 85 -20.76 22.30 7.17
C TYR B 85 -20.45 21.43 5.97
N ALA B 86 -20.76 20.14 6.04
CA ALA B 86 -20.57 19.28 4.87
C ALA B 86 -21.38 19.79 3.69
N ARG B 87 -22.64 20.14 3.92
CA ARG B 87 -23.50 20.61 2.83
CA ARG B 87 -23.50 20.61 2.83
C ARG B 87 -22.99 21.91 2.23
N MET B 88 -22.55 22.85 3.09
CA MET B 88 -22.11 24.14 2.56
C MET B 88 -20.74 24.03 1.90
N ALA B 89 -19.89 23.11 2.37
CA ALA B 89 -18.61 22.90 1.69
C ALA B 89 -18.82 22.30 0.29
N GLN B 90 -19.87 21.49 0.11
CA GLN B 90 -20.19 21.03 -1.24
C GLN B 90 -20.67 22.18 -2.11
N ILE B 91 -21.52 23.06 -1.55
CA ILE B 91 -22.01 24.19 -2.32
C ILE B 91 -20.86 25.10 -2.75
N LEU B 92 -19.91 25.34 -1.86
CA LEU B 92 -18.77 26.23 -2.13
C LEU B 92 -17.51 25.47 -2.49
N ASP B 93 -17.63 24.26 -3.01
CA ASP B 93 -16.48 23.40 -3.26
C ASP B 93 -15.56 24.02 -4.31
N THR B 94 -14.27 24.09 -4.00
CA THR B 94 -13.26 24.58 -4.92
C THR B 94 -12.50 23.46 -5.62
N THR B 95 -12.82 22.21 -5.33
CA THR B 95 -12.12 21.09 -5.95
C THR B 95 -12.34 21.10 -7.46
N PRO B 96 -11.29 21.15 -8.26
CA PRO B 96 -11.47 21.11 -9.71
C PRO B 96 -11.87 19.72 -10.19
N GLN B 97 -12.29 19.66 -11.45
CA GLN B 97 -12.62 18.36 -12.02
C GLN B 97 -11.37 17.66 -12.52
N PRO B 98 -11.37 16.32 -12.54
CA PRO B 98 -10.21 15.60 -13.07
C PRO B 98 -9.92 15.90 -14.53
N ALA B 99 -10.92 16.31 -15.30
CA ALA B 99 -10.71 16.62 -16.71
C ALA B 99 -11.91 17.40 -17.22
N GLN B 100 -11.73 18.03 -18.38
CA GLN B 100 -12.79 18.76 -19.06
C GLN B 100 -12.65 18.52 -20.55
N ASN B 101 -13.73 18.09 -21.20
CA ASN B 101 -13.73 17.77 -22.62
C ASN B 101 -12.92 16.50 -22.87
N ILE B 102 -12.68 16.17 -24.14
CA ILE B 102 -11.91 14.99 -24.53
C ILE B 102 -10.54 15.45 -25.00
N ALA B 103 -9.49 15.02 -24.30
CA ALA B 103 -8.15 15.50 -24.60
C ALA B 103 -7.64 14.87 -25.90
N PRO B 104 -6.98 15.65 -26.76
CA PRO B 104 -6.46 15.08 -28.01
C PRO B 104 -5.42 13.99 -27.78
N SER B 105 -4.70 14.04 -26.67
CA SER B 105 -3.69 13.03 -26.35
C SER B 105 -4.29 11.76 -25.78
N ALA B 106 -5.58 11.74 -25.46
CA ALA B 106 -6.22 10.53 -25.00
C ALA B 106 -6.34 9.54 -26.14
N VAL B 107 -6.21 8.26 -25.83
CA VAL B 107 -6.27 7.18 -26.82
C VAL B 107 -7.52 6.36 -26.53
N ILE B 108 -8.50 6.44 -27.42
CA ILE B 108 -9.83 5.90 -27.18
C ILE B 108 -10.19 4.96 -28.31
N ASP B 109 -10.49 3.70 -27.97
CA ASP B 109 -10.81 2.70 -28.98
C ASP B 109 -12.10 3.09 -29.70
N ALA B 110 -12.14 2.80 -31.00
CA ALA B 110 -13.25 3.23 -31.84
C ALA B 110 -14.57 2.62 -31.38
N THR B 111 -14.53 1.46 -30.71
CA THR B 111 -15.74 0.80 -30.27
C THR B 111 -16.22 1.28 -28.90
N ALA B 112 -15.49 2.21 -28.27
CA ALA B 112 -15.95 2.74 -26.99
C ALA B 112 -17.19 3.58 -27.18
N LYS B 113 -18.12 3.49 -26.24
CA LYS B 113 -19.38 4.20 -26.27
C LYS B 113 -19.39 5.25 -25.18
N LEU B 114 -19.54 6.51 -25.55
CA LEU B 114 -19.53 7.63 -24.62
C LEU B 114 -20.90 8.29 -24.57
N GLY B 115 -21.38 8.59 -23.37
CA GLY B 115 -22.59 9.35 -23.18
C GLY B 115 -22.35 10.83 -23.40
N ASN B 116 -23.31 11.63 -22.93
CA ASN B 116 -23.23 13.07 -23.10
C ASN B 116 -22.37 13.70 -22.00
N ASN B 117 -21.66 14.77 -22.36
CA ASN B 117 -20.90 15.56 -21.42
C ASN B 117 -19.82 14.72 -20.72
N VAL B 118 -19.19 13.82 -21.46
CA VAL B 118 -18.09 13.03 -20.93
C VAL B 118 -16.78 13.80 -21.07
N SER B 119 -15.91 13.67 -20.10
CA SER B 119 -14.59 14.28 -20.12
C SER B 119 -13.53 13.20 -19.93
N ILE B 120 -12.46 13.29 -20.73
CA ILE B 120 -11.37 12.32 -20.70
C ILE B 120 -10.06 13.10 -20.70
N GLY B 121 -9.26 12.92 -19.66
CA GLY B 121 -8.06 13.70 -19.49
C GLY B 121 -6.92 13.28 -20.40
N ALA B 122 -5.87 14.09 -20.41
CA ALA B 122 -4.75 13.87 -21.30
C ALA B 122 -4.11 12.51 -21.07
N ASN B 123 -3.79 11.83 -22.17
CA ASN B 123 -3.04 10.58 -22.19
C ASN B 123 -3.75 9.43 -21.46
N ALA B 124 -5.04 9.58 -21.18
CA ALA B 124 -5.83 8.44 -20.74
C ALA B 124 -6.01 7.45 -21.89
N VAL B 125 -6.18 6.17 -21.54
CA VAL B 125 -6.30 5.10 -22.51
C VAL B 125 -7.60 4.34 -22.25
N ILE B 126 -8.47 4.29 -23.25
CA ILE B 126 -9.78 3.64 -23.13
C ILE B 126 -9.80 2.48 -24.12
N GLU B 127 -9.99 1.27 -23.60
CA GLU B 127 -9.93 0.05 -24.39
C GLU B 127 -11.23 -0.15 -25.18
N SER B 128 -11.22 -1.18 -26.03
CA SER B 128 -12.38 -1.53 -26.81
C SER B 128 -13.56 -1.91 -25.91
N GLY B 129 -14.77 -1.65 -26.40
CA GLY B 129 -15.97 -2.06 -25.71
C GLY B 129 -16.32 -1.30 -24.46
N VAL B 130 -15.50 -0.32 -24.05
CA VAL B 130 -15.77 0.42 -22.82
C VAL B 130 -17.00 1.29 -23.01
N GLU B 131 -17.80 1.43 -21.95
CA GLU B 131 -18.98 2.28 -21.97
C GLU B 131 -18.85 3.27 -20.83
N LEU B 132 -18.87 4.57 -21.16
CA LEU B 132 -18.80 5.64 -20.19
C LEU B 132 -20.14 6.36 -20.18
N GLY B 133 -20.78 6.42 -19.02
CA GLY B 133 -22.09 7.04 -18.90
C GLY B 133 -22.03 8.55 -18.94
N ASP B 134 -23.21 9.17 -18.96
CA ASP B 134 -23.30 10.62 -18.99
C ASP B 134 -22.51 11.23 -17.85
N ASN B 135 -21.82 12.33 -18.15
CA ASN B 135 -21.13 13.14 -17.15
C ASN B 135 -19.97 12.41 -16.49
N VAL B 136 -19.51 11.30 -17.07
CA VAL B 136 -18.37 10.59 -16.52
C VAL B 136 -17.10 11.39 -16.79
N ILE B 137 -16.20 11.42 -15.81
CA ILE B 137 -14.93 12.13 -15.93
C ILE B 137 -13.81 11.14 -15.67
N ILE B 138 -12.91 10.99 -16.65
CA ILE B 138 -11.75 10.12 -16.56
C ILE B 138 -10.51 11.01 -16.48
N GLY B 139 -9.78 10.92 -15.39
CA GLY B 139 -8.61 11.75 -15.20
C GLY B 139 -7.48 11.41 -16.17
N ALA B 140 -6.47 12.27 -16.17
CA ALA B 140 -5.31 12.06 -17.02
C ALA B 140 -4.60 10.76 -16.67
N GLY B 141 -4.07 10.09 -17.70
CA GLY B 141 -3.25 8.92 -17.51
C GLY B 141 -3.96 7.67 -17.03
N CYS B 142 -5.29 7.68 -16.93
CA CYS B 142 -6.01 6.49 -16.52
C CYS B 142 -5.95 5.42 -17.60
N PHE B 143 -6.24 4.19 -17.19
CA PHE B 143 -6.47 3.08 -18.10
C PHE B 143 -7.80 2.45 -17.74
N VAL B 144 -8.67 2.25 -18.74
CA VAL B 144 -9.93 1.54 -18.55
C VAL B 144 -9.95 0.36 -19.52
N GLY B 145 -10.01 -0.85 -18.96
CA GLY B 145 -9.81 -2.05 -19.74
C GLY B 145 -11.03 -2.47 -20.54
N LYS B 146 -10.81 -3.52 -21.34
CA LYS B 146 -11.79 -3.94 -22.34
C LYS B 146 -13.16 -4.22 -21.70
N ASN B 147 -14.20 -3.66 -22.30
CA ASN B 147 -15.60 -3.95 -22.00
C ASN B 147 -16.04 -3.48 -20.62
N SER B 148 -15.22 -2.69 -19.92
CA SER B 148 -15.64 -2.18 -18.62
C SER B 148 -16.67 -1.07 -18.80
N LYS B 149 -17.54 -0.93 -17.80
CA LYS B 149 -18.65 0.02 -17.82
C LYS B 149 -18.58 0.90 -16.59
N ILE B 150 -18.64 2.22 -16.80
CA ILE B 150 -18.59 3.20 -15.72
C ILE B 150 -19.88 4.00 -15.77
N GLY B 151 -20.57 4.09 -14.63
CA GLY B 151 -21.89 4.67 -14.60
C GLY B 151 -21.89 6.18 -14.62
N ALA B 152 -23.05 6.74 -14.94
CA ALA B 152 -23.21 8.18 -15.08
C ALA B 152 -22.78 8.91 -13.82
N GLY B 153 -22.10 10.05 -14.01
CA GLY B 153 -21.64 10.86 -12.91
C GLY B 153 -20.40 10.37 -12.22
N SER B 154 -19.91 9.17 -12.51
CA SER B 154 -18.74 8.65 -11.83
C SER B 154 -17.48 9.35 -12.33
N ARG B 155 -16.49 9.47 -11.44
CA ARG B 155 -15.28 10.21 -11.75
C ARG B 155 -14.06 9.45 -11.26
N LEU B 156 -13.04 9.40 -12.11
CA LEU B 156 -11.73 8.86 -11.77
C LEU B 156 -10.71 9.99 -11.78
N TRP B 157 -9.92 10.08 -10.73
CA TRP B 157 -8.83 11.05 -10.71
C TRP B 157 -7.71 10.52 -11.61
N ALA B 158 -6.58 11.22 -11.64
CA ALA B 158 -5.51 10.83 -12.54
C ALA B 158 -4.90 9.48 -12.15
N ASN B 159 -4.41 8.77 -13.17
CA ASN B 159 -3.59 7.57 -12.97
C ASN B 159 -4.33 6.49 -12.16
N VAL B 160 -5.60 6.28 -12.48
CA VAL B 160 -6.39 5.18 -11.96
C VAL B 160 -6.41 4.07 -13.00
N THR B 161 -6.32 2.83 -12.55
CA THR B 161 -6.29 1.68 -13.46
C THR B 161 -7.54 0.84 -13.24
N ILE B 162 -8.36 0.70 -14.27
CA ILE B 162 -9.51 -0.20 -14.29
C ILE B 162 -9.21 -1.29 -15.30
N TYR B 163 -9.21 -2.55 -14.85
CA TYR B 163 -8.99 -3.67 -15.75
C TYR B 163 -10.22 -3.91 -16.62
N HIS B 164 -10.31 -5.11 -17.20
CA HIS B 164 -11.36 -5.47 -18.14
C HIS B 164 -12.58 -6.03 -17.42
N GLU B 165 -13.75 -5.90 -18.06
CA GLU B 165 -15.00 -6.48 -17.59
C GLU B 165 -15.37 -5.99 -16.20
N ILE B 166 -14.98 -4.78 -15.87
CA ILE B 166 -15.31 -4.16 -14.59
C ILE B 166 -16.59 -3.35 -14.74
N GLN B 167 -17.44 -3.40 -13.72
CA GLN B 167 -18.68 -2.62 -13.69
C GLN B 167 -18.62 -1.66 -12.52
N ILE B 168 -18.78 -0.36 -12.82
CA ILE B 168 -18.79 0.69 -11.82
C ILE B 168 -20.10 1.45 -11.96
N GLY B 169 -20.76 1.72 -10.83
CA GLY B 169 -22.07 2.34 -10.83
C GLY B 169 -22.03 3.85 -11.03
N GLN B 170 -23.09 4.50 -10.56
CA GLN B 170 -23.26 5.93 -10.75
C GLN B 170 -22.69 6.73 -9.60
N ASN B 171 -22.18 7.92 -9.93
CA ASN B 171 -21.73 8.90 -8.93
C ASN B 171 -20.66 8.33 -8.01
N CYS B 172 -19.80 7.47 -8.53
CA CYS B 172 -18.65 6.98 -7.78
C CYS B 172 -17.49 7.94 -7.95
N LEU B 173 -16.52 7.82 -7.04
CA LEU B 173 -15.32 8.65 -7.07
C LEU B 173 -14.13 7.78 -6.65
N ILE B 174 -13.12 7.72 -7.50
CA ILE B 174 -11.95 6.88 -7.26
C ILE B 174 -10.70 7.76 -7.32
N GLN B 175 -9.92 7.76 -6.25
CA GLN B 175 -8.72 8.58 -6.18
C GLN B 175 -7.54 7.91 -6.90
N SER B 176 -6.48 8.67 -7.10
CA SER B 176 -5.38 8.27 -7.96
C SER B 176 -4.62 7.06 -7.42
N GLY B 177 -3.97 6.34 -8.33
CA GLY B 177 -3.14 5.21 -7.97
C GLY B 177 -3.88 3.95 -7.63
N THR B 178 -5.20 3.98 -7.64
CA THR B 178 -6.00 2.81 -7.31
C THR B 178 -6.09 1.87 -8.49
N VAL B 179 -6.17 0.56 -8.21
CA VAL B 179 -6.23 -0.49 -9.21
C VAL B 179 -7.44 -1.35 -8.92
N VAL B 180 -8.38 -1.40 -9.86
CA VAL B 180 -9.60 -2.20 -9.71
C VAL B 180 -9.59 -3.28 -10.78
N GLY B 181 -9.57 -4.53 -10.35
CA GLY B 181 -9.72 -5.66 -11.25
C GLY B 181 -8.47 -6.44 -11.58
N ALA B 182 -7.37 -6.25 -10.84
CA ALA B 182 -6.20 -7.08 -11.06
C ALA B 182 -6.48 -8.52 -10.66
N ASP B 183 -5.65 -9.43 -11.16
CA ASP B 183 -5.79 -10.84 -10.84
C ASP B 183 -5.79 -11.07 -9.33
N GLY B 184 -6.76 -11.84 -8.86
CA GLY B 184 -6.67 -12.41 -7.53
C GLY B 184 -5.45 -13.31 -7.39
N PHE B 185 -5.17 -13.68 -6.14
CA PHE B 185 -3.96 -14.41 -5.80
C PHE B 185 -4.24 -15.92 -5.88
N GLY B 186 -4.48 -16.39 -7.11
CA GLY B 186 -4.91 -17.77 -7.31
C GLY B 186 -3.92 -18.66 -8.04
N TYR B 187 -3.49 -19.75 -7.38
CA TYR B 187 -2.51 -20.66 -7.97
C TYR B 187 -2.79 -22.08 -7.47
N ALA B 188 -2.56 -23.05 -8.34
CA ALA B 188 -2.63 -24.46 -7.99
C ALA B 188 -1.22 -25.01 -7.82
N ASN B 189 -1.13 -26.30 -7.47
CA ASN B 189 0.13 -26.95 -7.14
C ASN B 189 0.31 -28.19 -8.02
N ASP B 190 1.31 -28.17 -8.89
CA ASP B 190 1.66 -29.30 -9.75
C ASP B 190 3.02 -29.81 -9.32
N ARG B 191 3.03 -30.80 -8.42
CA ARG B 191 4.26 -31.48 -8.00
C ARG B 191 5.31 -30.48 -7.52
N GLY B 192 4.87 -29.46 -6.79
CA GLY B 192 5.78 -28.47 -6.25
C GLY B 192 5.99 -27.24 -7.10
N ASN B 193 5.23 -27.08 -8.19
CA ASN B 193 5.33 -25.92 -9.06
C ASN B 193 4.02 -25.15 -9.04
N TRP B 194 4.09 -23.84 -8.82
CA TRP B 194 2.90 -23.00 -8.88
C TRP B 194 2.34 -22.98 -10.29
N VAL B 195 1.03 -23.20 -10.41
CA VAL B 195 0.32 -23.10 -11.69
C VAL B 195 -0.71 -21.99 -11.55
N LYS B 196 -0.61 -20.98 -12.42
CA LYS B 196 -1.53 -19.85 -12.34
C LYS B 196 -2.96 -20.29 -12.66
N ILE B 197 -3.90 -19.88 -11.82
CA ILE B 197 -5.32 -20.04 -12.08
C ILE B 197 -5.82 -18.72 -12.69
N PRO B 198 -6.19 -18.70 -13.97
CA PRO B 198 -6.76 -17.47 -14.53
C PRO B 198 -7.93 -16.98 -13.67
N GLN B 199 -7.96 -15.67 -13.46
CA GLN B 199 -8.97 -15.03 -12.62
C GLN B 199 -9.98 -14.37 -13.57
N ILE B 200 -11.05 -15.09 -13.89
CA ILE B 200 -11.98 -14.66 -14.93
C ILE B 200 -13.29 -14.16 -14.33
N GLY B 201 -13.37 -14.04 -13.01
CA GLY B 201 -14.44 -13.27 -12.41
C GLY B 201 -14.19 -11.78 -12.62
N ARG B 202 -15.05 -10.97 -11.99
CA ARG B 202 -15.00 -9.54 -12.21
C ARG B 202 -14.97 -8.76 -10.91
N VAL B 203 -15.05 -7.44 -11.01
CA VAL B 203 -15.37 -6.57 -9.88
C VAL B 203 -16.64 -5.82 -10.24
N ILE B 204 -17.60 -5.81 -9.33
CA ILE B 204 -18.84 -5.05 -9.47
C ILE B 204 -18.88 -4.02 -8.34
N ILE B 205 -18.91 -2.75 -8.70
CA ILE B 205 -18.97 -1.65 -7.75
C ILE B 205 -20.30 -0.96 -7.94
N GLY B 206 -21.02 -0.72 -6.85
CA GLY B 206 -22.34 -0.15 -6.90
C GLY B 206 -22.32 1.35 -7.13
N ASP B 207 -23.40 2.00 -6.71
CA ASP B 207 -23.54 3.44 -6.84
C ASP B 207 -22.99 4.16 -5.62
N ARG B 208 -22.53 5.39 -5.83
CA ARG B 208 -22.14 6.28 -4.73
C ARG B 208 -21.02 5.67 -3.88
N VAL B 209 -20.08 4.97 -4.54
CA VAL B 209 -18.93 4.39 -3.86
C VAL B 209 -17.75 5.35 -4.00
N GLU B 210 -17.03 5.55 -2.90
CA GLU B 210 -15.82 6.36 -2.89
C GLU B 210 -14.64 5.50 -2.47
N ILE B 211 -13.59 5.50 -3.28
CA ILE B 211 -12.42 4.68 -3.04
C ILE B 211 -11.19 5.57 -3.03
N GLY B 212 -10.35 5.40 -2.02
CA GLY B 212 -9.19 6.25 -1.83
C GLY B 212 -8.05 5.90 -2.78
N ALA B 213 -6.87 6.43 -2.45
CA ALA B 213 -5.70 6.36 -3.32
C ALA B 213 -4.86 5.14 -3.00
N CYS B 214 -4.24 4.56 -4.04
CA CYS B 214 -3.39 3.38 -3.91
C CYS B 214 -4.11 2.25 -3.17
N THR B 215 -5.40 2.11 -3.44
CA THR B 215 -6.15 0.95 -2.98
C THR B 215 -6.29 -0.03 -4.14
N THR B 216 -6.30 -1.32 -3.81
CA THR B 216 -6.42 -2.36 -4.82
C THR B 216 -7.62 -3.25 -4.51
N ILE B 217 -8.39 -3.55 -5.55
CA ILE B 217 -9.58 -4.40 -5.45
C ILE B 217 -9.45 -5.43 -6.57
N ASP B 218 -9.15 -6.67 -6.20
CA ASP B 218 -8.90 -7.71 -7.19
C ASP B 218 -10.20 -8.27 -7.76
N ARG B 219 -10.12 -8.76 -9.00
CA ARG B 219 -11.25 -9.44 -9.60
C ARG B 219 -11.37 -10.85 -9.03
N GLY B 220 -12.58 -11.42 -9.15
CA GLY B 220 -12.82 -12.76 -8.64
C GLY B 220 -12.25 -13.85 -9.54
N ALA B 221 -12.13 -15.05 -8.95
CA ALA B 221 -11.57 -16.18 -9.70
C ALA B 221 -12.54 -16.69 -10.76
N LEU B 222 -13.82 -16.81 -10.40
CA LEU B 222 -14.85 -17.25 -11.35
C LEU B 222 -16.07 -16.35 -11.22
N ASP B 223 -16.58 -16.23 -10.01
CA ASP B 223 -17.62 -15.26 -9.70
C ASP B 223 -16.95 -13.97 -9.24
N ASP B 224 -17.73 -13.01 -8.74
CA ASP B 224 -17.29 -11.62 -8.71
C ASP B 224 -16.95 -11.11 -7.32
N THR B 225 -15.98 -10.19 -7.28
CA THR B 225 -15.78 -9.29 -6.15
C THR B 225 -16.83 -8.19 -6.22
N ILE B 226 -17.53 -7.93 -5.10
CA ILE B 226 -18.70 -7.05 -5.10
C ILE B 226 -18.56 -5.98 -4.03
N ILE B 227 -18.69 -4.73 -4.43
CA ILE B 227 -18.71 -3.59 -3.52
C ILE B 227 -20.11 -2.99 -3.57
N GLY B 228 -20.77 -2.91 -2.42
CA GLY B 228 -22.13 -2.42 -2.37
C GLY B 228 -22.23 -0.92 -2.55
N ASN B 229 -23.48 -0.44 -2.57
CA ASN B 229 -23.73 0.99 -2.75
C ASN B 229 -23.38 1.77 -1.49
N GLY B 230 -22.94 3.02 -1.69
CA GLY B 230 -22.65 3.90 -0.58
C GLY B 230 -21.43 3.53 0.24
N VAL B 231 -20.65 2.55 -0.20
CA VAL B 231 -19.45 2.14 0.51
C VAL B 231 -18.37 3.22 0.37
N ILE B 232 -17.62 3.44 1.43
CA ILE B 232 -16.47 4.35 1.41
C ILE B 232 -15.23 3.56 1.84
N ILE B 233 -14.15 3.69 1.08
CA ILE B 233 -12.92 2.94 1.29
C ILE B 233 -11.76 3.92 1.23
N ASP B 234 -10.88 3.87 2.24
CA ASP B 234 -9.81 4.84 2.42
C ASP B 234 -8.62 4.47 1.53
N ASN B 235 -7.46 5.11 1.76
CA ASN B 235 -6.25 4.82 1.00
C ASN B 235 -5.64 3.49 1.44
N GLN B 236 -4.80 2.94 0.56
CA GLN B 236 -3.90 1.82 0.87
C GLN B 236 -4.66 0.59 1.35
N CYS B 237 -5.91 0.43 0.96
CA CYS B 237 -6.66 -0.77 1.32
C CYS B 237 -6.46 -1.86 0.28
N GLN B 238 -6.59 -3.10 0.74
CA GLN B 238 -6.42 -4.27 -0.12
C GLN B 238 -7.67 -5.13 0.02
N ILE B 239 -8.43 -5.24 -1.06
CA ILE B 239 -9.66 -6.03 -1.09
C ILE B 239 -9.41 -7.20 -2.03
N ALA B 240 -9.33 -8.41 -1.46
CA ALA B 240 -8.93 -9.56 -2.25
C ALA B 240 -10.06 -10.03 -3.15
N HIS B 241 -9.73 -10.99 -4.03
CA HIS B 241 -10.70 -11.60 -4.92
C HIS B 241 -11.88 -12.18 -4.16
N ASN B 242 -13.07 -11.98 -4.71
CA ASN B 242 -14.32 -12.58 -4.23
C ASN B 242 -14.74 -12.06 -2.86
N VAL B 243 -14.17 -10.96 -2.40
CA VAL B 243 -14.72 -10.27 -1.23
C VAL B 243 -16.04 -9.61 -1.61
N VAL B 244 -16.99 -9.62 -0.68
CA VAL B 244 -18.28 -8.96 -0.85
C VAL B 244 -18.48 -8.00 0.31
N ILE B 245 -18.74 -6.73 0.01
CA ILE B 245 -18.91 -5.70 1.02
C ILE B 245 -20.32 -5.11 0.92
N GLY B 246 -21.04 -5.09 2.03
CA GLY B 246 -22.41 -4.63 2.00
C GLY B 246 -22.54 -3.11 2.00
N ASP B 247 -23.75 -2.65 1.65
CA ASP B 247 -24.03 -1.23 1.47
C ASP B 247 -23.61 -0.42 2.68
N ASN B 248 -23.05 0.76 2.42
CA ASN B 248 -22.81 1.81 3.42
C ASN B 248 -21.72 1.45 4.41
N THR B 249 -21.01 0.33 4.20
CA THR B 249 -19.90 0.00 5.07
C THR B 249 -18.71 0.92 4.81
N ALA B 250 -17.98 1.26 5.86
CA ALA B 250 -16.82 2.13 5.77
C ALA B 250 -15.57 1.36 6.13
N VAL B 251 -14.52 1.54 5.33
CA VAL B 251 -13.25 0.83 5.50
C VAL B 251 -12.15 1.89 5.55
N ALA B 252 -11.48 1.99 6.69
CA ALA B 252 -10.48 3.03 6.89
C ALA B 252 -9.14 2.61 6.30
N GLY B 253 -8.16 3.51 6.39
CA GLY B 253 -6.95 3.35 5.60
C GLY B 253 -6.14 2.12 5.98
N GLY B 254 -5.51 1.51 4.98
CA GLY B 254 -4.58 0.43 5.21
C GLY B 254 -5.18 -0.90 5.63
N VAL B 255 -6.48 -1.10 5.39
CA VAL B 255 -7.14 -2.35 5.76
C VAL B 255 -6.87 -3.41 4.70
N ILE B 256 -6.63 -4.64 5.15
CA ILE B 256 -6.40 -5.77 4.27
C ILE B 256 -7.49 -6.80 4.50
N MET B 257 -8.15 -7.23 3.43
CA MET B 257 -9.19 -8.24 3.49
C MET B 257 -8.80 -9.41 2.59
N ALA B 258 -8.76 -10.61 3.17
CA ALA B 258 -8.38 -11.81 2.44
C ALA B 258 -9.53 -12.32 1.58
N GLY B 259 -9.21 -13.28 0.71
CA GLY B 259 -10.16 -13.70 -0.30
C GLY B 259 -11.43 -14.31 0.30
N SER B 260 -12.55 -14.04 -0.36
CA SER B 260 -13.84 -14.65 -0.05
C SER B 260 -14.41 -14.22 1.30
N LEU B 261 -13.93 -13.10 1.84
CA LEU B 261 -14.60 -12.50 2.99
C LEU B 261 -15.90 -11.83 2.56
N LYS B 262 -16.95 -12.01 3.37
CA LYS B 262 -18.20 -11.31 3.19
C LYS B 262 -18.42 -10.40 4.40
N ILE B 263 -18.54 -9.10 4.14
CA ILE B 263 -18.82 -8.11 5.17
C ILE B 263 -20.20 -7.53 4.93
N GLY B 264 -20.97 -7.35 6.00
CA GLY B 264 -22.34 -6.91 5.89
C GLY B 264 -22.47 -5.41 5.69
N ARG B 265 -23.68 -4.92 5.95
CA ARG B 265 -24.01 -3.52 5.78
C ARG B 265 -23.68 -2.72 7.04
N TYR B 266 -23.44 -1.42 6.83
CA TYR B 266 -23.26 -0.47 7.94
C TYR B 266 -22.14 -0.89 8.89
N CYS B 267 -21.13 -1.58 8.37
CA CYS B 267 -19.99 -1.91 9.19
C CYS B 267 -18.97 -0.77 9.17
N MET B 268 -18.08 -0.78 10.16
CA MET B 268 -17.04 0.23 10.30
C MET B 268 -15.74 -0.49 10.62
N ILE B 269 -14.81 -0.50 9.66
CA ILE B 269 -13.58 -1.27 9.78
C ILE B 269 -12.45 -0.27 10.02
N GLY B 270 -11.86 -0.32 11.21
CA GLY B 270 -10.83 0.63 11.58
C GLY B 270 -9.54 0.44 10.81
N GLY B 271 -8.76 1.52 10.75
CA GLY B 271 -7.57 1.53 9.91
C GLY B 271 -6.59 0.44 10.31
N ALA B 272 -5.88 -0.08 9.30
CA ALA B 272 -4.83 -1.09 9.46
C ALA B 272 -5.35 -2.42 10.01
N SER B 273 -6.66 -2.66 9.98
CA SER B 273 -7.18 -3.95 10.37
C SER B 273 -6.80 -5.01 9.35
N VAL B 274 -6.79 -6.26 9.80
CA VAL B 274 -6.50 -7.42 8.97
C VAL B 274 -7.66 -8.39 9.13
N ILE B 275 -8.42 -8.61 8.06
CA ILE B 275 -9.61 -9.45 8.12
C ILE B 275 -9.38 -10.66 7.24
N ASN B 276 -9.36 -11.85 7.84
CA ASN B 276 -9.12 -13.08 7.09
C ASN B 276 -10.37 -13.49 6.31
N GLY B 277 -10.21 -14.49 5.44
CA GLY B 277 -11.17 -14.79 4.42
C GLY B 277 -11.99 -16.05 4.68
N HIS B 278 -12.81 -16.38 3.68
CA HIS B 278 -13.71 -17.52 3.74
C HIS B 278 -14.51 -17.52 5.04
N MET B 279 -15.02 -16.34 5.40
CA MET B 279 -15.83 -16.18 6.61
C MET B 279 -16.74 -14.98 6.41
N GLU B 280 -17.63 -14.74 7.37
CA GLU B 280 -18.60 -13.67 7.24
C GLU B 280 -18.62 -12.78 8.48
N ILE B 281 -18.87 -11.49 8.24
CA ILE B 281 -19.07 -10.49 9.27
C ILE B 281 -20.46 -9.90 9.07
N CYS B 282 -21.29 -9.96 10.12
CA CYS B 282 -22.68 -9.56 9.99
C CYS B 282 -22.81 -8.03 9.89
N ASP B 283 -24.05 -7.57 9.74
CA ASP B 283 -24.32 -6.14 9.67
C ASP B 283 -23.92 -5.44 10.96
N LYS B 284 -23.59 -4.15 10.83
CA LYS B 284 -23.45 -3.25 11.97
C LYS B 284 -22.34 -3.72 12.93
N VAL B 285 -21.21 -4.13 12.37
CA VAL B 285 -20.05 -4.51 13.17
C VAL B 285 -19.02 -3.40 13.05
N THR B 286 -18.42 -3.05 14.18
CA THR B 286 -17.30 -2.11 14.21
C THR B 286 -16.05 -2.86 14.65
N VAL B 287 -15.01 -2.80 13.84
CA VAL B 287 -13.70 -3.34 14.18
C VAL B 287 -12.76 -2.16 14.40
N THR B 288 -12.22 -2.04 15.63
CA THR B 288 -11.34 -0.92 15.91
C THR B 288 -9.99 -1.13 15.22
N GLY B 289 -9.21 -0.04 15.15
CA GLY B 289 -7.97 -0.02 14.41
C GLY B 289 -7.01 -1.16 14.69
N MET B 290 -6.39 -1.69 13.64
CA MET B 290 -5.42 -2.77 13.73
C MET B 290 -6.04 -4.08 14.21
N GLY B 291 -7.36 -4.21 14.10
CA GLY B 291 -8.00 -5.44 14.57
C GLY B 291 -7.56 -6.65 13.78
N MET B 292 -7.31 -7.74 14.48
CA MET B 292 -6.86 -9.00 13.88
C MET B 292 -8.04 -9.96 13.91
N VAL B 293 -8.72 -10.09 12.77
CA VAL B 293 -9.98 -10.81 12.68
C VAL B 293 -9.71 -12.19 12.09
N MET B 294 -9.78 -13.22 12.93
CA MET B 294 -9.56 -14.59 12.51
C MET B 294 -10.84 -15.42 12.43
N ARG B 295 -11.93 -14.98 13.05
CA ARG B 295 -13.15 -15.77 13.14
C ARG B 295 -14.35 -14.99 12.64
N PRO B 296 -15.40 -15.67 12.21
CA PRO B 296 -16.62 -14.99 11.81
C PRO B 296 -17.20 -14.17 12.96
N ILE B 297 -17.94 -13.12 12.60
CA ILE B 297 -18.61 -12.26 13.56
C ILE B 297 -20.10 -12.34 13.27
N THR B 298 -20.88 -12.83 14.23
CA THR B 298 -22.30 -13.09 14.02
C THR B 298 -23.22 -12.14 14.78
N GLU B 299 -22.70 -11.28 15.63
CA GLU B 299 -23.50 -10.33 16.38
C GLU B 299 -22.97 -8.92 16.15
N PRO B 300 -23.86 -7.95 15.98
CA PRO B 300 -23.40 -6.57 15.85
C PRO B 300 -22.72 -6.11 17.13
N GLY B 301 -21.89 -5.09 17.00
CA GLY B 301 -21.21 -4.53 18.14
C GLY B 301 -19.78 -4.16 17.78
N VAL B 302 -19.01 -3.81 18.82
CA VAL B 302 -17.66 -3.31 18.68
C VAL B 302 -16.69 -4.40 19.13
N TYR B 303 -15.69 -4.68 18.29
CA TYR B 303 -14.70 -5.72 18.55
C TYR B 303 -13.31 -5.12 18.39
N SER B 304 -12.34 -5.66 19.13
CA SER B 304 -11.02 -5.06 19.22
C SER B 304 -9.97 -6.12 19.49
N SER B 305 -8.72 -5.81 19.11
CA SER B 305 -7.56 -6.62 19.44
C SER B 305 -6.34 -5.72 19.53
N GLY B 306 -5.26 -6.27 20.07
CA GLY B 306 -3.99 -5.57 20.07
C GLY B 306 -3.55 -5.15 21.46
N ILE B 307 -2.26 -5.28 21.73
CA ILE B 307 -1.66 -4.85 22.98
C ILE B 307 -0.94 -3.52 22.72
N PRO B 308 -1.38 -2.41 23.32
CA PRO B 308 -0.81 -1.10 22.98
C PRO B 308 0.65 -0.90 23.35
N LEU B 309 1.16 0.28 22.99
CA LEU B 309 2.55 0.64 23.13
C LEU B 309 2.96 0.80 24.59
N GLN B 310 4.23 0.53 24.86
CA GLN B 310 4.86 0.78 26.14
C GLN B 310 6.30 1.21 25.90
N PRO B 311 6.95 1.84 26.87
CA PRO B 311 8.39 2.09 26.76
C PRO B 311 9.11 0.77 26.47
N ASN B 312 10.14 0.86 25.63
CA ASN B 312 10.76 -0.36 25.11
C ASN B 312 11.22 -1.28 26.23
N LYS B 313 11.86 -0.73 27.27
CA LYS B 313 12.31 -1.57 28.38
C LYS B 313 11.14 -2.27 29.05
N VAL B 314 10.01 -1.57 29.18
CA VAL B 314 8.83 -2.19 29.76
C VAL B 314 8.26 -3.24 28.82
N TRP B 315 8.23 -2.94 27.52
CA TRP B 315 7.66 -3.88 26.55
C TRP B 315 8.46 -5.19 26.52
N ARG B 316 9.79 -5.09 26.59
CA ARG B 316 10.61 -6.30 26.59
C ARG B 316 10.17 -7.26 27.69
N LYS B 317 9.89 -6.73 28.88
CA LYS B 317 9.45 -7.57 29.99
C LYS B 317 8.04 -8.10 29.74
N THR B 318 7.12 -7.24 29.29
CA THR B 318 5.78 -7.69 28.96
C THR B 318 5.83 -8.82 27.95
N ALA B 319 6.61 -8.64 26.87
CA ALA B 319 6.65 -9.64 25.83
C ALA B 319 7.21 -10.95 26.33
N ALA B 320 8.27 -10.89 27.15
CA ALA B 320 8.86 -12.12 27.69
C ALA B 320 7.87 -12.86 28.58
N LEU B 321 7.14 -12.13 29.43
CA LEU B 321 6.19 -12.79 30.32
C LEU B 321 5.03 -13.39 29.54
N VAL B 322 4.52 -12.67 28.55
CA VAL B 322 3.42 -13.19 27.74
C VAL B 322 3.86 -14.44 26.99
N MET B 323 5.02 -14.38 26.32
CA MET B 323 5.50 -15.54 25.59
C MET B 323 5.67 -16.76 26.48
N ASN B 324 5.84 -16.56 27.79
CA ASN B 324 6.01 -17.65 28.74
C ASN B 324 4.77 -17.85 29.61
N ILE B 325 3.60 -17.43 29.12
CA ILE B 325 2.41 -17.44 29.95
C ILE B 325 1.94 -18.85 30.27
N ASP B 326 2.27 -19.83 29.43
CA ASP B 326 1.91 -21.21 29.73
C ASP B 326 2.53 -21.66 31.06
N ASP B 327 3.76 -21.23 31.33
CA ASP B 327 4.37 -21.54 32.62
C ASP B 327 3.66 -20.84 33.77
N MET B 328 3.24 -19.59 33.55
CA MET B 328 2.49 -18.88 34.58
C MET B 328 1.17 -19.57 34.87
N SER B 329 0.51 -20.09 33.83
CA SER B 329 -0.74 -20.80 34.02
C SER B 329 -0.54 -22.08 34.83
N LYS B 330 0.54 -22.82 34.55
CA LYS B 330 0.80 -24.04 35.29
C LYS B 330 1.11 -23.77 36.75
N ARG B 331 1.84 -22.69 37.03
CA ARG B 331 2.15 -22.34 38.41
C ARG B 331 0.89 -21.93 39.16
N LEU B 332 0.00 -21.17 38.52
CA LEU B 332 -1.26 -20.81 39.14
C LEU B 332 -2.08 -22.03 39.49
N LYS B 333 -2.19 -22.99 38.55
CA LYS B 333 -2.94 -24.21 38.81
C LYS B 333 -2.32 -25.01 39.95
N SER B 334 -1.00 -25.07 40.01
CA SER B 334 -0.34 -25.77 41.11
CA SER B 334 -0.34 -25.77 41.11
C SER B 334 -0.64 -25.10 42.45
N LEU B 335 -0.60 -23.76 42.48
CA LEU B 335 -0.88 -23.04 43.71
C LEU B 335 -2.32 -23.25 44.16
N GLU B 336 -3.26 -23.27 43.20
CA GLU B 336 -4.66 -23.52 43.55
C GLU B 336 -4.83 -24.88 44.23
N ARG B 337 -4.18 -25.92 43.69
CA ARG B 337 -4.25 -27.24 44.33
C ARG B 337 -3.73 -27.18 45.76
N LYS B 338 -2.62 -26.47 45.99
CA LYS B 338 -2.07 -26.36 47.33
C LYS B 338 -3.04 -25.64 48.27
N VAL B 339 -3.67 -24.56 47.79
CA VAL B 339 -4.63 -23.84 48.61
C VAL B 339 -5.89 -24.66 48.83
N ASN B 340 -6.23 -25.53 47.90
CA ASN B 340 -7.34 -26.47 48.07
C ASN B 340 -6.94 -27.69 48.90
N GLN B 341 -5.74 -27.69 49.47
CA GLN B 341 -5.28 -28.75 50.37
C GLN B 341 -5.22 -30.11 49.67
N GLN B 342 -4.96 -30.12 48.37
CA GLN B 342 -4.82 -31.37 47.63
C GLN B 342 -3.37 -31.63 47.25
N GLY C 4 -12.18 -19.11 -27.08
CA GLY C 4 -12.17 -19.95 -28.27
C GLY C 4 -12.73 -21.34 -27.96
N SER C 5 -13.83 -21.69 -28.61
CA SER C 5 -14.52 -22.94 -28.33
C SER C 5 -13.62 -24.13 -28.65
N ILE C 6 -13.95 -25.27 -28.03
CA ILE C 6 -13.17 -26.49 -28.20
C ILE C 6 -14.10 -27.67 -27.99
N ARG C 7 -13.87 -28.74 -28.76
CA ARG C 7 -14.63 -29.97 -28.58
C ARG C 7 -14.24 -30.65 -27.28
N LEU C 8 -15.24 -31.23 -26.61
CA LEU C 8 -14.98 -31.86 -25.31
C LEU C 8 -13.93 -32.96 -25.42
N ALA C 9 -13.99 -33.76 -26.48
CA ALA C 9 -12.98 -34.80 -26.67
C ALA C 9 -11.60 -34.20 -26.81
N ASP C 10 -11.46 -33.12 -27.59
CA ASP C 10 -10.17 -32.48 -27.74
C ASP C 10 -9.69 -31.86 -26.43
N LEU C 11 -10.61 -31.23 -25.68
CA LEU C 11 -10.23 -30.70 -24.38
C LEU C 11 -9.75 -31.82 -23.45
N ALA C 12 -10.46 -32.95 -23.44
CA ALA C 12 -10.06 -34.07 -22.59
C ALA C 12 -8.66 -34.56 -22.95
N GLN C 13 -8.36 -34.65 -24.24
CA GLN C 13 -7.03 -35.09 -24.67
C GLN C 13 -5.96 -34.14 -24.16
N GLN C 14 -6.19 -32.83 -24.32
CA GLN C 14 -5.21 -31.85 -23.85
C GLN C 14 -5.03 -31.91 -22.34
N LEU C 15 -6.07 -32.30 -21.61
CA LEU C 15 -6.01 -32.39 -20.16
C LEU C 15 -5.58 -33.77 -19.68
N ASP C 16 -5.39 -34.74 -20.59
CA ASP C 16 -5.07 -36.10 -20.20
C ASP C 16 -6.13 -36.67 -19.26
N ALA C 17 -7.39 -36.42 -19.59
CA ALA C 17 -8.53 -36.85 -18.81
C ALA C 17 -9.31 -37.92 -19.56
N GLU C 18 -10.01 -38.77 -18.81
CA GLU C 18 -10.85 -39.82 -19.38
C GLU C 18 -12.23 -39.24 -19.65
N LEU C 19 -12.65 -39.25 -20.91
CA LEU C 19 -13.95 -38.73 -21.29
C LEU C 19 -15.05 -39.76 -21.06
N HIS C 20 -16.12 -39.35 -20.39
CA HIS C 20 -17.33 -40.17 -20.22
C HIS C 20 -18.50 -39.31 -20.68
N GLY C 21 -18.95 -39.54 -21.92
CA GLY C 21 -20.02 -38.77 -22.50
C GLY C 21 -19.67 -38.38 -23.92
N ASP C 22 -20.41 -37.40 -24.44
CA ASP C 22 -20.36 -37.02 -25.85
C ASP C 22 -19.15 -36.14 -26.11
N GLY C 23 -18.17 -36.66 -26.85
CA GLY C 23 -16.99 -35.89 -27.20
C GLY C 23 -17.25 -34.74 -28.14
N ASP C 24 -18.39 -34.72 -28.81
CA ASP C 24 -18.72 -33.66 -29.76
C ASP C 24 -19.30 -32.42 -29.11
N ILE C 25 -19.56 -32.45 -27.79
CA ILE C 25 -20.04 -31.27 -27.11
C ILE C 25 -19.02 -30.14 -27.28
N VAL C 26 -19.51 -28.94 -27.55
CA VAL C 26 -18.66 -27.77 -27.75
C VAL C 26 -18.59 -26.99 -26.45
N ILE C 27 -17.38 -26.81 -25.93
CA ILE C 27 -17.15 -26.09 -24.68
C ILE C 27 -16.69 -24.67 -25.01
N THR C 28 -17.37 -23.68 -24.44
CA THR C 28 -17.03 -22.29 -24.69
C THR C 28 -16.23 -21.64 -23.57
N GLY C 29 -16.29 -22.15 -22.35
CA GLY C 29 -15.55 -21.53 -21.28
C GLY C 29 -15.75 -22.27 -19.98
N VAL C 30 -15.07 -21.79 -18.95
CA VAL C 30 -15.10 -22.36 -17.60
C VAL C 30 -16.01 -21.53 -16.73
N ALA C 31 -16.73 -22.18 -15.82
CA ALA C 31 -17.60 -21.48 -14.89
C ALA C 31 -17.64 -22.24 -13.57
N SER C 32 -18.03 -21.53 -12.52
CA SER C 32 -18.27 -22.19 -11.25
C SER C 32 -19.45 -23.15 -11.38
N MET C 33 -19.53 -24.09 -10.44
CA MET C 33 -20.60 -25.08 -10.52
C MET C 33 -21.96 -24.41 -10.45
N GLN C 34 -22.10 -23.38 -9.61
CA GLN C 34 -23.40 -22.73 -9.46
C GLN C 34 -23.72 -21.82 -10.64
N SER C 35 -22.70 -21.26 -11.30
CA SER C 35 -22.93 -20.34 -12.42
C SER C 35 -22.92 -21.03 -13.77
N ALA C 36 -22.39 -22.25 -13.85
CA ALA C 36 -22.20 -22.91 -15.14
C ALA C 36 -23.53 -23.06 -15.88
N GLN C 37 -23.48 -22.85 -17.20
CA GLN C 37 -24.61 -23.05 -18.09
C GLN C 37 -24.15 -23.92 -19.25
N THR C 38 -25.08 -24.24 -20.15
CA THR C 38 -24.75 -25.03 -21.33
C THR C 38 -23.59 -24.38 -22.07
N GLY C 39 -22.66 -25.21 -22.53
CA GLY C 39 -21.42 -24.74 -23.12
C GLY C 39 -20.28 -24.58 -22.15
N HIS C 40 -20.56 -24.51 -20.85
CA HIS C 40 -19.53 -24.37 -19.84
C HIS C 40 -19.04 -25.73 -19.36
N ILE C 41 -17.77 -25.78 -18.98
CA ILE C 41 -17.22 -26.90 -18.23
C ILE C 41 -16.91 -26.39 -16.82
N THR C 42 -17.15 -27.26 -15.82
CA THR C 42 -16.86 -26.90 -14.44
C THR C 42 -16.14 -28.09 -13.79
N PHE C 43 -16.00 -28.04 -12.48
CA PHE C 43 -15.24 -29.06 -11.77
C PHE C 43 -15.85 -29.26 -10.39
N MET C 44 -15.64 -30.46 -9.84
CA MET C 44 -16.05 -30.78 -8.49
C MET C 44 -14.82 -31.26 -7.71
N VAL C 45 -14.51 -30.56 -6.62
CA VAL C 45 -13.45 -31.00 -5.71
C VAL C 45 -14.00 -31.53 -4.39
N ASN C 46 -15.24 -31.19 -4.03
CA ASN C 46 -15.82 -31.58 -2.76
C ASN C 46 -16.89 -32.64 -2.99
N PRO C 47 -16.64 -33.90 -2.59
CA PRO C 47 -17.62 -34.97 -2.86
C PRO C 47 -18.98 -34.73 -2.24
N LYS C 48 -19.12 -33.75 -1.34
CA LYS C 48 -20.43 -33.45 -0.79
C LYS C 48 -21.40 -32.93 -1.84
N TYR C 49 -20.89 -32.46 -2.97
CA TYR C 49 -21.74 -31.95 -4.05
C TYR C 49 -22.19 -33.04 -5.01
N ARG C 50 -21.83 -34.30 -4.76
CA ARG C 50 -22.28 -35.39 -5.62
C ARG C 50 -23.79 -35.39 -5.77
N GLU C 51 -24.52 -35.20 -4.66
CA GLU C 51 -25.98 -35.16 -4.69
C GLU C 51 -26.51 -33.91 -5.38
N HIS C 52 -25.66 -32.91 -5.58
CA HIS C 52 -26.02 -31.62 -6.15
C HIS C 52 -25.78 -31.55 -7.66
N LEU C 53 -25.09 -32.54 -8.23
CA LEU C 53 -24.67 -32.44 -9.63
C LEU C 53 -25.87 -32.28 -10.57
N GLY C 54 -27.02 -32.83 -10.20
CA GLY C 54 -28.22 -32.67 -11.01
C GLY C 54 -28.75 -31.26 -11.05
N LEU C 55 -28.23 -30.36 -10.22
CA LEU C 55 -28.59 -28.95 -10.22
C LEU C 55 -27.60 -28.10 -11.00
N CYS C 56 -26.53 -28.70 -11.51
CA CYS C 56 -25.52 -27.99 -12.27
C CYS C 56 -25.85 -28.09 -13.76
N GLN C 57 -25.90 -26.94 -14.43
CA GLN C 57 -26.29 -26.85 -15.83
C GLN C 57 -25.10 -26.80 -16.78
N ALA C 58 -23.90 -27.15 -16.31
CA ALA C 58 -22.73 -27.20 -17.17
C ALA C 58 -22.84 -28.36 -18.17
N SER C 59 -22.15 -28.20 -19.30
CA SER C 59 -22.11 -29.28 -20.28
C SER C 59 -21.17 -30.41 -19.90
N ALA C 60 -20.21 -30.16 -18.99
CA ALA C 60 -19.28 -31.20 -18.57
C ALA C 60 -18.72 -30.81 -17.21
N VAL C 61 -18.31 -31.82 -16.45
CA VAL C 61 -17.81 -31.64 -15.09
C VAL C 61 -16.56 -32.47 -14.91
N VAL C 62 -15.50 -31.84 -14.40
CA VAL C 62 -14.26 -32.54 -14.05
C VAL C 62 -14.39 -33.12 -12.65
N MET C 63 -14.09 -34.41 -12.51
CA MET C 63 -14.28 -35.10 -11.24
C MET C 63 -13.31 -36.28 -11.17
N THR C 64 -13.38 -37.02 -10.08
CA THR C 64 -12.53 -38.19 -9.85
C THR C 64 -13.25 -39.46 -10.26
N GLN C 65 -12.50 -40.57 -10.23
CA GLN C 65 -13.10 -41.87 -10.53
C GLN C 65 -14.16 -42.25 -9.49
N ASP C 66 -13.91 -41.90 -8.22
CA ASP C 66 -14.90 -42.16 -7.18
C ASP C 66 -16.18 -41.38 -7.41
N ASP C 67 -16.09 -40.21 -8.05
CA ASP C 67 -17.27 -39.38 -8.29
C ASP C 67 -18.12 -39.87 -9.45
N LEU C 68 -17.52 -40.58 -10.40
CA LEU C 68 -18.17 -40.88 -11.68
C LEU C 68 -19.59 -41.42 -11.54
N PRO C 69 -19.88 -42.37 -10.65
CA PRO C 69 -21.25 -42.90 -10.58
C PRO C 69 -22.29 -41.85 -10.24
N PHE C 70 -21.88 -40.71 -9.68
CA PHE C 70 -22.80 -39.65 -9.28
C PHE C 70 -23.00 -38.61 -10.37
N ALA C 71 -22.34 -38.75 -11.52
CA ALA C 71 -22.43 -37.74 -12.56
C ALA C 71 -23.84 -37.67 -13.15
N LYS C 72 -24.26 -36.47 -13.49
CA LYS C 72 -25.46 -36.22 -14.29
C LYS C 72 -25.13 -35.34 -15.49
N SER C 73 -24.02 -35.68 -16.15
CA SER C 73 -23.53 -34.95 -17.31
C SER C 73 -22.34 -35.71 -17.85
N ALA C 74 -21.84 -35.28 -19.01
CA ALA C 74 -20.53 -35.71 -19.44
C ALA C 74 -19.51 -35.38 -18.37
N ALA C 75 -18.58 -36.29 -18.13
CA ALA C 75 -17.60 -36.15 -17.06
C ALA C 75 -16.20 -36.36 -17.62
N LEU C 76 -15.25 -35.57 -17.12
CA LEU C 76 -13.84 -35.76 -17.37
C LEU C 76 -13.22 -36.28 -16.07
N VAL C 77 -12.77 -37.53 -16.09
CA VAL C 77 -12.24 -38.18 -14.90
C VAL C 77 -10.73 -37.95 -14.85
N VAL C 78 -10.26 -37.38 -13.74
CA VAL C 78 -8.84 -37.10 -13.52
C VAL C 78 -8.51 -37.42 -12.08
N LYS C 79 -7.21 -37.51 -11.79
CA LYS C 79 -6.75 -37.72 -10.42
C LYS C 79 -6.86 -36.46 -9.58
N ASN C 80 -6.72 -35.29 -10.19
CA ASN C 80 -6.63 -34.02 -9.46
C ASN C 80 -7.53 -33.00 -10.16
N PRO C 81 -8.80 -32.92 -9.75
CA PRO C 81 -9.71 -31.98 -10.44
C PRO C 81 -9.31 -30.53 -10.30
N TYR C 82 -8.69 -30.15 -9.19
CA TYR C 82 -8.30 -28.75 -8.99
C TYR C 82 -7.19 -28.36 -9.97
N LEU C 83 -6.15 -29.19 -10.08
CA LEU C 83 -5.09 -28.91 -11.04
C LEU C 83 -5.62 -28.92 -12.47
N THR C 84 -6.49 -29.88 -12.81
CA THR C 84 -7.10 -29.90 -14.13
C THR C 84 -7.92 -28.63 -14.36
N TYR C 85 -8.61 -28.15 -13.33
CA TYR C 85 -9.33 -26.89 -13.44
C TYR C 85 -8.39 -25.75 -13.82
N ALA C 86 -7.26 -25.64 -13.12
CA ALA C 86 -6.28 -24.62 -13.48
C ALA C 86 -5.83 -24.75 -14.92
N ARG C 87 -5.57 -26.00 -15.36
CA ARG C 87 -5.10 -26.21 -16.72
C ARG C 87 -6.15 -25.86 -17.75
N MET C 88 -7.41 -26.26 -17.50
CA MET C 88 -8.45 -25.98 -18.49
C MET C 88 -8.85 -24.52 -18.48
N ALA C 89 -8.71 -23.83 -17.35
CA ALA C 89 -8.96 -22.40 -17.32
C ALA C 89 -7.90 -21.63 -18.12
N GLN C 90 -6.67 -22.12 -18.15
CA GLN C 90 -5.66 -21.52 -19.02
C GLN C 90 -5.99 -21.76 -20.49
N ILE C 91 -6.36 -22.99 -20.83
CA ILE C 91 -6.75 -23.31 -22.20
C ILE C 91 -7.90 -22.40 -22.65
N LEU C 92 -8.86 -22.15 -21.76
CA LEU C 92 -10.06 -21.40 -22.10
C LEU C 92 -10.04 -19.98 -21.54
N ASP C 93 -8.86 -19.44 -21.26
CA ASP C 93 -8.74 -18.15 -20.58
C ASP C 93 -9.33 -17.02 -21.43
N THR C 94 -10.20 -16.22 -20.82
CA THR C 94 -10.77 -15.05 -21.47
C THR C 94 -10.02 -13.76 -21.14
N THR C 95 -8.99 -13.82 -20.31
CA THR C 95 -8.22 -12.64 -19.97
C THR C 95 -7.58 -12.07 -21.24
N PRO C 96 -7.76 -10.77 -21.51
CA PRO C 96 -7.13 -10.18 -22.70
C PRO C 96 -5.64 -9.95 -22.48
N GLN C 97 -4.97 -9.60 -23.58
CA GLN C 97 -3.57 -9.21 -23.41
C GLN C 97 -3.48 -7.73 -23.05
N PRO C 98 -2.45 -7.32 -22.32
CA PRO C 98 -2.31 -5.89 -21.97
C PRO C 98 -2.15 -4.98 -23.18
N ALA C 99 -1.75 -5.52 -24.34
CA ALA C 99 -1.60 -4.70 -25.54
C ALA C 99 -1.44 -5.63 -26.72
N GLN C 100 -1.70 -5.07 -27.91
CA GLN C 100 -1.46 -5.76 -29.17
C GLN C 100 -0.76 -4.81 -30.13
N ASN C 101 0.32 -5.29 -30.75
CA ASN C 101 1.12 -4.46 -31.63
C ASN C 101 1.77 -3.34 -30.84
N ILE C 102 2.41 -2.39 -31.52
CA ILE C 102 3.08 -1.27 -30.87
C ILE C 102 2.27 -0.01 -31.15
N ALA C 103 1.78 0.61 -30.08
CA ALA C 103 0.85 1.73 -30.22
C ALA C 103 1.58 2.96 -30.76
N PRO C 104 0.96 3.72 -31.68
CA PRO C 104 1.61 4.95 -32.17
C PRO C 104 1.90 5.95 -31.07
N SER C 105 1.15 5.92 -29.98
CA SER C 105 1.35 6.87 -28.89
C SER C 105 2.41 6.42 -27.89
N ALA C 106 2.89 5.17 -28.00
CA ALA C 106 4.02 4.74 -27.19
C ALA C 106 5.27 5.52 -27.61
N VAL C 107 6.13 5.80 -26.63
CA VAL C 107 7.34 6.57 -26.85
C VAL C 107 8.51 5.65 -26.58
N ILE C 108 9.25 5.29 -27.64
CA ILE C 108 10.25 4.22 -27.57
C ILE C 108 11.58 4.77 -28.05
N ASP C 109 12.57 4.78 -27.16
CA ASP C 109 13.89 5.28 -27.51
C ASP C 109 14.46 4.51 -28.69
N ALA C 110 15.21 5.21 -29.55
CA ALA C 110 15.75 4.58 -30.74
C ALA C 110 16.74 3.45 -30.41
N THR C 111 17.34 3.48 -29.22
CA THR C 111 18.30 2.47 -28.84
C THR C 111 17.67 1.24 -28.17
N ALA C 112 16.38 1.29 -27.87
CA ALA C 112 15.72 0.12 -27.32
C ALA C 112 15.76 -1.02 -28.34
N LYS C 113 15.84 -2.24 -27.85
CA LYS C 113 15.95 -3.43 -28.68
C LYS C 113 14.72 -4.29 -28.46
N LEU C 114 13.90 -4.41 -29.50
CA LEU C 114 12.65 -5.16 -29.44
C LEU C 114 12.80 -6.51 -30.11
N GLY C 115 12.38 -7.57 -29.43
CA GLY C 115 12.33 -8.89 -30.00
C GLY C 115 11.15 -9.04 -30.95
N ASN C 116 10.90 -10.30 -31.33
CA ASN C 116 9.80 -10.59 -32.23
C ASN C 116 8.48 -10.63 -31.49
N ASN C 117 7.43 -10.11 -32.13
CA ASN C 117 6.08 -10.21 -31.62
C ASN C 117 5.94 -9.50 -30.26
N VAL C 118 6.59 -8.36 -30.13
CA VAL C 118 6.47 -7.54 -28.94
C VAL C 118 5.32 -6.56 -29.13
N SER C 119 4.50 -6.41 -28.08
CA SER C 119 3.40 -5.46 -28.09
C SER C 119 3.61 -4.45 -26.97
N ILE C 120 3.36 -3.18 -27.29
CA ILE C 120 3.56 -2.07 -26.36
C ILE C 120 2.33 -1.18 -26.43
N GLY C 121 1.69 -0.96 -25.27
CA GLY C 121 0.40 -0.29 -25.25
C GLY C 121 0.50 1.22 -25.32
N ALA C 122 -0.67 1.85 -25.47
CA ALA C 122 -0.75 3.29 -25.67
C ALA C 122 -0.07 4.05 -24.54
N ASN C 123 0.77 5.01 -24.92
CA ASN C 123 1.41 5.97 -24.01
C ASN C 123 2.42 5.32 -23.06
N ALA C 124 2.79 4.07 -23.28
CA ALA C 124 3.91 3.51 -22.54
C ALA C 124 5.21 4.23 -22.97
N VAL C 125 6.20 4.20 -22.08
CA VAL C 125 7.45 4.93 -22.28
C VAL C 125 8.60 3.96 -22.06
N ILE C 126 9.41 3.76 -23.09
CA ILE C 126 10.53 2.83 -23.07
C ILE C 126 11.83 3.63 -23.21
N GLU C 127 12.70 3.53 -22.21
CA GLU C 127 13.90 4.35 -22.16
C GLU C 127 15.00 3.80 -23.07
N SER C 128 16.12 4.51 -23.13
CA SER C 128 17.26 4.06 -23.90
C SER C 128 17.82 2.76 -23.33
N GLY C 129 18.39 1.93 -24.21
CA GLY C 129 19.06 0.72 -23.81
C GLY C 129 18.17 -0.41 -23.37
N VAL C 130 16.85 -0.21 -23.31
CA VAL C 130 15.95 -1.26 -22.86
C VAL C 130 15.93 -2.41 -23.85
N GLU C 131 15.86 -3.63 -23.34
CA GLU C 131 15.77 -4.84 -24.17
C GLU C 131 14.52 -5.61 -23.78
N LEU C 132 13.63 -5.80 -24.74
CA LEU C 132 12.40 -6.58 -24.55
C LEU C 132 12.50 -7.86 -25.36
N GLY C 133 12.36 -9.00 -24.69
CA GLY C 133 12.48 -10.28 -25.36
C GLY C 133 11.27 -10.60 -26.22
N ASP C 134 11.39 -11.70 -26.96
CA ASP C 134 10.30 -12.16 -27.81
C ASP C 134 9.01 -12.29 -27.01
N ASN C 135 7.91 -11.84 -27.61
CA ASN C 135 6.56 -12.02 -27.10
C ASN C 135 6.28 -11.21 -25.84
N VAL C 136 7.17 -10.30 -25.47
CA VAL C 136 6.93 -9.45 -24.31
C VAL C 136 5.78 -8.49 -24.61
N ILE C 137 4.94 -8.25 -23.60
CA ILE C 137 3.82 -7.34 -23.72
C ILE C 137 3.92 -6.30 -22.61
N ILE C 138 3.92 -5.02 -23.00
CA ILE C 138 3.98 -3.91 -22.07
C ILE C 138 2.62 -3.20 -22.11
N GLY C 139 1.95 -3.10 -20.98
CA GLY C 139 0.65 -2.47 -20.96
C GLY C 139 0.73 -0.98 -21.22
N ALA C 140 -0.44 -0.38 -21.43
CA ALA C 140 -0.53 1.06 -21.62
C ALA C 140 0.00 1.81 -20.41
N GLY C 141 0.67 2.92 -20.66
CA GLY C 141 1.10 3.82 -19.61
C GLY C 141 2.24 3.34 -18.74
N CYS C 142 2.85 2.20 -19.06
CA CYS C 142 4.00 1.74 -18.31
C CYS C 142 5.20 2.64 -18.54
N PHE C 143 6.19 2.53 -17.64
CA PHE C 143 7.50 3.14 -17.81
C PHE C 143 8.55 2.07 -17.55
N VAL C 144 9.46 1.89 -18.49
CA VAL C 144 10.60 0.98 -18.35
C VAL C 144 11.87 1.80 -18.46
N GLY C 145 12.65 1.84 -17.38
CA GLY C 145 13.79 2.75 -17.28
C GLY C 145 15.00 2.28 -18.07
N LYS C 146 16.03 3.13 -18.05
CA LYS C 146 17.20 2.96 -18.91
C LYS C 146 17.88 1.61 -18.66
N ASN C 147 18.17 0.90 -19.76
CA ASN C 147 18.98 -0.31 -19.78
C ASN C 147 18.33 -1.51 -19.10
N SER C 148 17.06 -1.41 -18.68
CA SER C 148 16.40 -2.55 -18.09
C SER C 148 16.11 -3.59 -19.17
N LYS C 149 16.02 -4.85 -18.74
CA LYS C 149 15.82 -5.96 -19.65
C LYS C 149 14.68 -6.84 -19.15
N ILE C 150 13.76 -7.18 -20.05
CA ILE C 150 12.59 -7.99 -19.74
C ILE C 150 12.61 -9.20 -20.65
N GLY C 151 12.59 -10.39 -20.05
CA GLY C 151 12.79 -11.61 -20.79
C GLY C 151 11.55 -12.06 -21.56
N ALA C 152 11.77 -12.98 -22.48
CA ALA C 152 10.74 -13.45 -23.39
C ALA C 152 9.48 -13.89 -22.63
N GLY C 153 8.32 -13.54 -23.19
CA GLY C 153 7.06 -13.98 -22.65
C GLY C 153 6.56 -13.21 -21.45
N SER C 154 7.36 -12.34 -20.86
CA SER C 154 6.92 -11.59 -19.69
C SER C 154 5.95 -10.48 -20.10
N ARG C 155 5.04 -10.16 -19.19
CA ARG C 155 3.96 -9.23 -19.49
C ARG C 155 3.74 -8.30 -18.31
N LEU C 156 3.58 -7.03 -18.61
CA LEU C 156 3.24 -6.00 -17.64
C LEU C 156 1.86 -5.45 -17.95
N TRP C 157 0.99 -5.42 -16.95
CA TRP C 157 -0.30 -4.76 -17.13
C TRP C 157 -0.11 -3.25 -17.18
N ALA C 158 -1.22 -2.52 -17.28
CA ALA C 158 -1.12 -1.07 -17.45
C ALA C 158 -0.49 -0.41 -16.24
N ASN C 159 0.22 0.69 -16.48
CA ASN C 159 0.67 1.59 -15.41
C ASN C 159 1.59 0.88 -14.43
N VAL C 160 2.52 0.10 -14.96
CA VAL C 160 3.60 -0.50 -14.18
C VAL C 160 4.86 0.34 -14.37
N THR C 161 5.61 0.54 -13.30
CA THR C 161 6.84 1.31 -13.34
C THR C 161 8.04 0.41 -13.10
N ILE C 162 8.92 0.33 -14.08
CA ILE C 162 10.21 -0.36 -13.94
C ILE C 162 11.30 0.71 -14.03
N TYR C 163 12.13 0.81 -13.00
CA TYR C 163 13.23 1.77 -13.00
C TYR C 163 14.36 1.30 -13.91
N HIS C 164 15.54 1.88 -13.74
CA HIS C 164 16.69 1.60 -14.60
C HIS C 164 17.45 0.36 -14.12
N GLU C 165 18.17 -0.26 -15.06
CA GLU C 165 19.08 -1.37 -14.78
C GLU C 165 18.38 -2.55 -14.11
N ILE C 166 17.09 -2.73 -14.38
CA ILE C 166 16.35 -3.85 -13.81
C ILE C 166 16.42 -5.04 -14.75
N GLN C 167 16.52 -6.24 -14.17
CA GLN C 167 16.53 -7.48 -14.93
C GLN C 167 15.31 -8.30 -14.54
N ILE C 168 14.48 -8.63 -15.52
CA ILE C 168 13.27 -9.42 -15.32
C ILE C 168 13.34 -10.61 -16.26
N GLY C 169 13.08 -11.80 -15.73
CA GLY C 169 13.24 -13.03 -16.48
C GLY C 169 12.12 -13.28 -17.47
N GLN C 170 11.94 -14.57 -17.79
CA GLN C 170 10.98 -14.98 -18.80
C GLN C 170 9.64 -15.37 -18.16
N ASN C 171 8.56 -15.09 -18.90
CA ASN C 171 7.21 -15.54 -18.52
C ASN C 171 6.77 -15.01 -17.16
N CYS C 172 7.22 -13.81 -16.81
CA CYS C 172 6.74 -13.16 -15.61
C CYS C 172 5.43 -12.43 -15.90
N LEU C 173 4.74 -12.06 -14.83
CA LEU C 173 3.50 -11.29 -14.93
C LEU C 173 3.45 -10.30 -13.78
N ILE C 174 3.32 -9.01 -14.10
CA ILE C 174 3.32 -7.95 -13.12
C ILE C 174 2.03 -7.14 -13.26
N GLN C 175 1.28 -7.01 -12.17
CA GLN C 175 0.01 -6.33 -12.20
C GLN C 175 0.20 -4.82 -12.04
N SER C 176 -0.86 -4.07 -12.36
CA SER C 176 -0.77 -2.62 -12.47
C SER C 176 -0.40 -1.99 -11.13
N GLY C 177 0.25 -0.82 -11.22
CA GLY C 177 0.62 -0.05 -10.05
C GLY C 177 1.90 -0.49 -9.38
N THR C 178 2.45 -1.64 -9.74
CA THR C 178 3.68 -2.11 -9.13
C THR C 178 4.86 -1.25 -9.56
N VAL C 179 5.80 -1.09 -8.65
CA VAL C 179 6.99 -0.29 -8.91
C VAL C 179 8.20 -1.16 -8.58
N VAL C 180 9.07 -1.38 -9.56
CA VAL C 180 10.26 -2.21 -9.39
C VAL C 180 11.49 -1.34 -9.60
N GLY C 181 12.34 -1.24 -8.58
CA GLY C 181 13.60 -0.57 -8.72
C GLY C 181 13.68 0.83 -8.16
N ALA C 182 12.69 1.27 -7.38
CA ALA C 182 12.81 2.56 -6.72
C ALA C 182 13.96 2.53 -5.72
N ASP C 183 14.42 3.73 -5.34
CA ASP C 183 15.48 3.84 -4.34
C ASP C 183 15.08 3.12 -3.06
N GLY C 184 15.98 2.28 -2.56
CA GLY C 184 15.84 1.80 -1.20
C GLY C 184 15.94 2.93 -0.19
N PHE C 185 15.46 2.65 1.03
CA PHE C 185 15.39 3.65 2.09
C PHE C 185 16.76 3.79 2.76
N GLY C 186 17.71 4.34 1.98
CA GLY C 186 19.08 4.46 2.43
C GLY C 186 19.53 5.88 2.71
N TYR C 187 19.84 6.16 3.97
CA TYR C 187 20.24 7.49 4.40
C TYR C 187 21.21 7.37 5.56
N ALA C 188 22.20 8.26 5.60
CA ALA C 188 23.10 8.38 6.73
C ALA C 188 22.70 9.58 7.57
N ASN C 189 22.85 9.46 8.89
CA ASN C 189 22.47 10.52 9.80
C ASN C 189 23.68 11.41 10.10
N ASP C 190 23.51 12.70 9.88
CA ASP C 190 24.54 13.71 10.12
C ASP C 190 23.96 14.75 11.10
N ARG C 191 24.19 14.54 12.39
CA ARG C 191 23.75 15.49 13.41
C ARG C 191 22.25 15.76 13.29
N GLY C 192 21.48 14.69 13.09
CA GLY C 192 20.04 14.79 12.96
C GLY C 192 19.53 14.99 11.55
N ASN C 193 20.40 15.39 10.62
CA ASN C 193 20.01 15.54 9.22
C ASN C 193 20.23 14.23 8.48
N TRP C 194 19.33 13.92 7.54
CA TRP C 194 19.43 12.70 6.76
C TRP C 194 20.17 12.99 5.46
N VAL C 195 21.26 12.26 5.24
CA VAL C 195 22.08 12.40 4.03
C VAL C 195 21.78 11.22 3.12
N LYS C 196 21.28 11.51 1.91
CA LYS C 196 20.86 10.43 1.03
C LYS C 196 22.05 9.57 0.62
N ILE C 197 21.82 8.26 0.60
CA ILE C 197 22.78 7.29 0.07
C ILE C 197 22.23 6.83 -1.29
N PRO C 198 22.86 7.21 -2.40
CA PRO C 198 22.39 6.72 -3.70
C PRO C 198 22.32 5.21 -3.69
N GLN C 199 21.30 4.67 -4.33
CA GLN C 199 21.05 3.23 -4.38
C GLN C 199 21.42 2.75 -5.77
N ILE C 200 22.64 2.24 -5.92
CA ILE C 200 23.19 1.90 -7.22
C ILE C 200 23.21 0.41 -7.49
N GLY C 201 22.63 -0.38 -6.59
CA GLY C 201 22.33 -1.76 -6.91
C GLY C 201 21.10 -1.83 -7.80
N ARG C 202 20.65 -3.06 -8.04
CA ARG C 202 19.56 -3.29 -8.98
C ARG C 202 18.46 -4.14 -8.37
N VAL C 203 17.52 -4.58 -9.20
CA VAL C 203 16.60 -5.66 -8.88
C VAL C 203 16.78 -6.74 -9.94
N ILE C 204 16.95 -7.97 -9.50
CA ILE C 204 17.00 -9.13 -10.38
C ILE C 204 15.77 -9.97 -10.08
N ILE C 205 14.88 -10.09 -11.06
CA ILE C 205 13.68 -10.91 -10.94
C ILE C 205 13.83 -12.13 -11.85
N GLY C 206 13.53 -13.30 -11.31
CA GLY C 206 13.77 -14.55 -12.03
C GLY C 206 12.70 -14.84 -13.06
N ASP C 207 12.58 -16.12 -13.40
CA ASP C 207 11.59 -16.58 -14.36
C ASP C 207 10.30 -16.98 -13.65
N ARG C 208 9.19 -16.79 -14.35
CA ARG C 208 7.87 -17.25 -13.89
C ARG C 208 7.48 -16.57 -12.57
N VAL C 209 7.88 -15.32 -12.39
CA VAL C 209 7.51 -14.56 -11.21
C VAL C 209 6.23 -13.81 -11.48
N GLU C 210 5.31 -13.84 -10.52
CA GLU C 210 4.05 -13.10 -10.60
C GLU C 210 3.99 -12.12 -9.44
N ILE C 211 3.76 -10.85 -9.75
CA ILE C 211 3.74 -9.78 -8.75
C ILE C 211 2.38 -9.08 -8.82
N GLY C 212 1.72 -8.94 -7.67
CA GLY C 212 0.41 -8.32 -7.60
C GLY C 212 0.47 -6.81 -7.67
N ALA C 213 -0.71 -6.20 -7.58
CA ALA C 213 -0.85 -4.78 -7.85
C ALA C 213 -0.33 -3.91 -6.70
N CYS C 214 0.33 -2.81 -7.08
CA CYS C 214 0.82 -1.80 -6.14
C CYS C 214 1.83 -2.36 -5.14
N THR C 215 2.55 -3.41 -5.54
CA THR C 215 3.68 -3.87 -4.78
C THR C 215 4.91 -3.06 -5.17
N THR C 216 5.79 -2.84 -4.19
CA THR C 216 7.02 -2.07 -4.42
C THR C 216 8.22 -2.94 -4.08
N ILE C 217 9.15 -3.04 -5.02
CA ILE C 217 10.37 -3.82 -4.84
C ILE C 217 11.54 -2.87 -5.11
N ASP C 218 12.23 -2.45 -4.05
CA ASP C 218 13.28 -1.44 -4.17
C ASP C 218 14.57 -2.06 -4.68
N ARG C 219 15.35 -1.23 -5.39
CA ARG C 219 16.69 -1.64 -5.83
C ARG C 219 17.65 -1.67 -4.65
N GLY C 220 18.74 -2.43 -4.83
CA GLY C 220 19.73 -2.55 -3.78
C GLY C 220 20.63 -1.33 -3.67
N ALA C 221 21.26 -1.21 -2.49
CA ALA C 221 22.14 -0.07 -2.24
C ALA C 221 23.42 -0.17 -3.07
N LEU C 222 24.06 -1.34 -3.07
CA LEU C 222 25.28 -1.60 -3.82
C LEU C 222 25.14 -2.90 -4.58
N ASP C 223 24.88 -3.99 -3.85
CA ASP C 223 24.49 -5.25 -4.46
C ASP C 223 22.97 -5.21 -4.67
N ASP C 224 22.38 -6.36 -5.02
CA ASP C 224 21.06 -6.36 -5.64
C ASP C 224 19.97 -6.90 -4.73
N THR C 225 18.75 -6.41 -4.95
CA THR C 225 17.54 -7.09 -4.53
C THR C 225 17.23 -8.23 -5.51
N ILE C 226 16.92 -9.41 -4.99
CA ILE C 226 16.84 -10.60 -5.82
C ILE C 226 15.52 -11.34 -5.54
N ILE C 227 14.76 -11.59 -6.59
CA ILE C 227 13.53 -12.39 -6.52
C ILE C 227 13.77 -13.67 -7.29
N GLY C 228 13.65 -14.80 -6.61
CA GLY C 228 13.94 -16.09 -7.22
C GLY C 228 12.87 -16.53 -8.21
N ASN C 229 13.15 -17.65 -8.88
CA ASN C 229 12.24 -18.19 -9.88
C ASN C 229 10.96 -18.70 -9.23
N GLY C 230 9.86 -18.58 -9.97
CA GLY C 230 8.59 -19.14 -9.54
C GLY C 230 7.96 -18.46 -8.35
N VAL C 231 8.57 -17.39 -7.84
CA VAL C 231 8.02 -16.68 -6.69
C VAL C 231 6.69 -16.02 -7.06
N ILE C 232 5.74 -16.04 -6.13
CA ILE C 232 4.46 -15.34 -6.30
C ILE C 232 4.30 -14.34 -5.17
N ILE C 233 4.00 -13.10 -5.52
CA ILE C 233 3.87 -12.00 -4.57
C ILE C 233 2.54 -11.31 -4.81
N ASP C 234 1.78 -11.12 -3.74
CA ASP C 234 0.42 -10.59 -3.79
C ASP C 234 0.47 -9.06 -3.80
N ASN C 235 -0.69 -8.43 -3.64
CA ASN C 235 -0.79 -6.97 -3.73
C ASN C 235 -0.11 -6.27 -2.58
N GLN C 236 0.45 -5.09 -2.89
CA GLN C 236 0.85 -4.09 -1.91
C GLN C 236 1.81 -4.63 -0.86
N CYS C 237 2.75 -5.47 -1.30
CA CYS C 237 3.88 -5.83 -0.46
C CYS C 237 4.99 -4.80 -0.62
N GLN C 238 5.80 -4.65 0.42
CA GLN C 238 7.02 -3.84 0.37
C GLN C 238 8.20 -4.78 0.51
N ILE C 239 8.99 -4.87 -0.56
CA ILE C 239 10.21 -5.67 -0.56
C ILE C 239 11.36 -4.68 -0.61
N ALA C 240 12.03 -4.50 0.53
CA ALA C 240 13.01 -3.45 0.69
C ALA C 240 14.31 -3.77 -0.05
N HIS C 241 15.22 -2.81 -0.05
CA HIS C 241 16.48 -2.99 -0.78
C HIS C 241 17.27 -4.16 -0.20
N ASN C 242 17.89 -4.93 -1.10
CA ASN C 242 18.78 -6.04 -0.75
C ASN C 242 18.04 -7.19 -0.05
N VAL C 243 16.72 -7.24 -0.13
CA VAL C 243 16.00 -8.44 0.21
C VAL C 243 16.28 -9.51 -0.84
N VAL C 244 16.40 -10.76 -0.40
CA VAL C 244 16.52 -11.90 -1.30
C VAL C 244 15.42 -12.89 -0.96
N ILE C 245 14.64 -13.29 -1.96
CA ILE C 245 13.53 -14.22 -1.80
C ILE C 245 13.80 -15.47 -2.64
N GLY C 246 13.82 -16.63 -1.98
CA GLY C 246 14.18 -17.85 -2.67
C GLY C 246 13.10 -18.39 -3.58
N ASP C 247 13.53 -19.23 -4.53
CA ASP C 247 12.63 -19.82 -5.52
C ASP C 247 11.37 -20.37 -4.86
N ASN C 248 10.23 -20.17 -5.55
CA ASN C 248 8.94 -20.78 -5.26
C ASN C 248 8.30 -20.26 -3.98
N THR C 249 8.93 -19.33 -3.29
CA THR C 249 8.32 -18.75 -2.09
C THR C 249 7.09 -17.94 -2.48
N ALA C 250 6.07 -17.97 -1.62
CA ALA C 250 4.84 -17.21 -1.81
C ALA C 250 4.74 -16.15 -0.72
N VAL C 251 4.41 -14.93 -1.12
CA VAL C 251 4.24 -13.82 -0.19
C VAL C 251 2.84 -13.26 -0.41
N ALA C 252 1.97 -13.41 0.58
CA ALA C 252 0.60 -12.94 0.47
C ALA C 252 0.53 -11.42 0.67
N GLY C 253 -0.68 -10.88 0.54
CA GLY C 253 -0.82 -9.44 0.37
C GLY C 253 -0.43 -8.64 1.59
N GLY C 254 0.11 -7.45 1.34
CA GLY C 254 0.37 -6.48 2.38
C GLY C 254 1.53 -6.79 3.31
N VAL C 255 2.45 -7.66 2.89
CA VAL C 255 3.62 -7.98 3.71
C VAL C 255 4.64 -6.86 3.60
N ILE C 256 5.23 -6.48 4.73
CA ILE C 256 6.22 -5.42 4.81
C ILE C 256 7.52 -6.04 5.27
N MET C 257 8.58 -5.93 4.45
CA MET C 257 9.89 -6.45 4.79
C MET C 257 10.89 -5.31 4.94
N ALA C 258 11.79 -5.43 5.90
CA ALA C 258 12.87 -4.49 6.06
C ALA C 258 14.06 -4.90 5.19
N GLY C 259 15.05 -4.02 5.12
CA GLY C 259 16.15 -4.23 4.20
C GLY C 259 17.04 -5.38 4.61
N SER C 260 17.63 -6.02 3.59
CA SER C 260 18.63 -7.09 3.73
C SER C 260 18.07 -8.34 4.40
N LEU C 261 16.76 -8.54 4.34
CA LEU C 261 16.18 -9.81 4.76
C LEU C 261 16.41 -10.87 3.68
N LYS C 262 16.76 -12.07 4.11
CA LYS C 262 16.89 -13.21 3.21
C LYS C 262 15.84 -14.25 3.57
N ILE C 263 14.94 -14.54 2.63
CA ILE C 263 13.94 -15.59 2.78
C ILE C 263 14.37 -16.76 1.91
N GLY C 264 14.32 -17.96 2.47
CA GLY C 264 14.75 -19.13 1.73
C GLY C 264 13.76 -19.53 0.64
N ARG C 265 14.04 -20.68 0.05
CA ARG C 265 13.13 -21.29 -0.91
C ARG C 265 11.95 -21.96 -0.21
N TYR C 266 10.85 -22.08 -0.94
CA TYR C 266 9.71 -22.88 -0.51
C TYR C 266 9.07 -22.34 0.76
N CYS C 267 9.17 -21.02 1.00
CA CYS C 267 8.53 -20.41 2.14
C CYS C 267 7.13 -19.90 1.77
N MET C 268 6.32 -19.66 2.81
CA MET C 268 4.97 -19.13 2.65
C MET C 268 4.75 -18.06 3.71
N ILE C 269 4.64 -16.80 3.28
CA ILE C 269 4.52 -15.67 4.20
C ILE C 269 3.09 -15.18 4.14
N GLY C 270 2.36 -15.33 5.26
CA GLY C 270 0.96 -14.97 5.29
C GLY C 270 0.73 -13.47 5.19
N GLY C 271 -0.47 -13.11 4.73
CA GLY C 271 -0.76 -11.72 4.47
C GLY C 271 -0.64 -10.85 5.72
N ALA C 272 -0.21 -9.60 5.51
CA ALA C 272 -0.07 -8.58 6.53
C ALA C 272 1.06 -8.87 7.53
N SER C 273 1.93 -9.82 7.24
CA SER C 273 3.06 -10.06 8.12
C SER C 273 4.07 -8.91 8.03
N VAL C 274 4.90 -8.80 9.07
CA VAL C 274 5.93 -7.78 9.18
C VAL C 274 7.24 -8.49 9.53
N ILE C 275 8.29 -8.26 8.73
CA ILE C 275 9.53 -9.03 8.87
C ILE C 275 10.72 -8.08 9.03
N ASN C 276 11.45 -8.26 10.12
CA ASN C 276 12.65 -7.48 10.40
C ASN C 276 13.71 -7.75 9.34
N GLY C 277 14.73 -6.90 9.29
CA GLY C 277 15.77 -6.95 8.30
C GLY C 277 17.09 -7.50 8.84
N HIS C 278 18.08 -7.51 7.95
CA HIS C 278 19.45 -7.95 8.29
C HIS C 278 19.44 -9.28 9.02
N MET C 279 18.66 -10.23 8.51
CA MET C 279 18.53 -11.54 9.12
C MET C 279 18.01 -12.50 8.07
N GLU C 280 17.89 -13.77 8.45
CA GLU C 280 17.57 -14.83 7.51
C GLU C 280 16.39 -15.66 8.00
N ILE C 281 15.55 -16.08 7.05
CA ILE C 281 14.53 -17.09 7.26
C ILE C 281 14.92 -18.27 6.38
N CYS C 282 15.06 -19.45 6.99
CA CYS C 282 15.53 -20.63 6.26
C CYS C 282 14.45 -21.14 5.31
N ASP C 283 14.81 -22.17 4.54
CA ASP C 283 13.86 -22.78 3.62
C ASP C 283 12.68 -23.40 4.38
N LYS C 284 11.55 -23.52 3.67
CA LYS C 284 10.39 -24.29 4.13
C LYS C 284 9.81 -23.75 5.43
N VAL C 285 9.69 -22.42 5.51
CA VAL C 285 9.10 -21.76 6.67
C VAL C 285 7.75 -21.20 6.24
N THR C 286 6.74 -21.41 7.08
CA THR C 286 5.43 -20.82 6.90
C THR C 286 5.17 -19.87 8.08
N VAL C 287 4.87 -18.62 7.76
CA VAL C 287 4.46 -17.62 8.76
C VAL C 287 2.98 -17.33 8.52
N THR C 288 2.15 -17.54 9.53
CA THR C 288 0.74 -17.27 9.37
C THR C 288 0.49 -15.76 9.34
N GLY C 289 -0.69 -15.39 8.87
CA GLY C 289 -1.05 -13.99 8.65
C GLY C 289 -0.80 -13.06 9.81
N MET C 290 -0.32 -11.85 9.49
CA MET C 290 -0.03 -10.81 10.47
C MET C 290 1.10 -11.19 11.40
N GLY C 291 1.97 -12.11 10.98
CA GLY C 291 3.08 -12.51 11.83
C GLY C 291 4.04 -11.35 12.08
N MET C 292 4.46 -11.23 13.33
CA MET C 292 5.46 -10.25 13.74
C MET C 292 6.80 -10.98 13.82
N VAL C 293 7.57 -10.89 12.75
CA VAL C 293 8.80 -11.66 12.59
C VAL C 293 9.96 -10.75 12.96
N MET C 294 10.41 -10.86 14.20
CA MET C 294 11.45 -9.99 14.75
C MET C 294 12.83 -10.61 14.73
N ARG C 295 12.92 -11.93 14.85
CA ARG C 295 14.18 -12.65 14.97
C ARG C 295 14.34 -13.63 13.81
N PRO C 296 15.58 -14.06 13.53
CA PRO C 296 15.78 -15.03 12.46
C PRO C 296 15.03 -16.32 12.73
N ILE C 297 14.69 -17.03 11.66
CA ILE C 297 14.05 -18.33 11.73
C ILE C 297 15.00 -19.35 11.14
N THR C 298 15.48 -20.28 11.97
CA THR C 298 16.55 -21.19 11.61
C THR C 298 16.08 -22.63 11.41
N GLU C 299 14.83 -22.94 11.73
CA GLU C 299 14.29 -24.28 11.55
C GLU C 299 13.02 -24.20 10.71
N PRO C 300 12.78 -25.17 9.83
CA PRO C 300 11.55 -25.17 9.05
C PRO C 300 10.34 -25.45 9.94
N GLY C 301 9.18 -25.07 9.44
CA GLY C 301 7.95 -25.31 10.15
C GLY C 301 7.04 -24.09 10.07
N VAL C 302 6.03 -24.08 10.95
CA VAL C 302 4.97 -23.08 10.93
C VAL C 302 5.10 -22.20 12.17
N TYR C 303 5.04 -20.89 11.96
CA TYR C 303 5.22 -19.91 13.04
C TYR C 303 4.09 -18.89 13.00
N SER C 304 3.72 -18.39 14.19
CA SER C 304 2.55 -17.55 14.31
C SER C 304 2.75 -16.53 15.41
N SER C 305 1.96 -15.45 15.33
CA SER C 305 1.92 -14.45 16.39
C SER C 305 0.57 -13.74 16.35
N GLY C 306 0.28 -12.98 17.39
CA GLY C 306 -0.88 -12.12 17.42
C GLY C 306 -1.93 -12.59 18.41
N ILE C 307 -2.56 -11.63 19.09
CA ILE C 307 -3.68 -11.89 19.99
C ILE C 307 -4.95 -11.43 19.26
N PRO C 308 -5.82 -12.34 18.85
CA PRO C 308 -6.92 -11.98 17.95
C PRO C 308 -8.10 -11.31 18.67
N LEU C 309 -9.14 -11.07 17.87
CA LEU C 309 -10.23 -10.17 18.25
C LEU C 309 -11.03 -10.69 19.43
N GLN C 310 -11.55 -9.76 20.22
CA GLN C 310 -12.52 -10.01 21.27
C GLN C 310 -13.54 -8.87 21.27
N PRO C 311 -14.69 -9.06 21.92
CA PRO C 311 -15.59 -7.93 22.14
C PRO C 311 -14.83 -6.82 22.84
N ASN C 312 -15.15 -5.57 22.48
CA ASN C 312 -14.39 -4.44 22.98
C ASN C 312 -14.30 -4.44 24.51
N LYS C 313 -15.44 -4.63 25.18
CA LYS C 313 -15.45 -4.68 26.64
C LYS C 313 -14.45 -5.70 27.16
N VAL C 314 -14.37 -6.86 26.50
CA VAL C 314 -13.44 -7.90 26.93
C VAL C 314 -12.01 -7.50 26.59
N TRP C 315 -11.80 -6.94 25.39
CA TRP C 315 -10.45 -6.55 24.98
C TRP C 315 -9.84 -5.54 25.95
N ARG C 316 -10.65 -4.58 26.42
CA ARG C 316 -10.14 -3.58 27.34
C ARG C 316 -9.45 -4.22 28.53
N LYS C 317 -10.05 -5.27 29.10
CA LYS C 317 -9.44 -5.94 30.25
C LYS C 317 -8.24 -6.78 29.83
N THR C 318 -8.35 -7.50 28.72
CA THR C 318 -7.21 -8.26 28.21
C THR C 318 -5.99 -7.35 28.05
N ALA C 319 -6.18 -6.19 27.40
CA ALA C 319 -5.06 -5.30 27.13
C ALA C 319 -4.45 -4.74 28.40
N ALA C 320 -5.30 -4.29 29.34
CA ALA C 320 -4.79 -3.74 30.59
C ALA C 320 -4.05 -4.80 31.39
N LEU C 321 -4.59 -6.01 31.44
CA LEU C 321 -3.94 -7.07 32.21
C LEU C 321 -2.60 -7.45 31.60
N VAL C 322 -2.53 -7.56 30.28
CA VAL C 322 -1.26 -7.88 29.63
C VAL C 322 -0.24 -6.79 29.90
N MET C 323 -0.65 -5.53 29.73
CA MET C 323 0.28 -4.43 29.95
C MET C 323 0.81 -4.42 31.38
N ASN C 324 0.00 -4.86 32.33
CA ASN C 324 0.40 -4.94 33.74
CA ASN C 324 0.42 -4.94 33.73
C ASN C 324 0.76 -6.36 34.16
N ILE C 325 1.22 -7.19 33.21
CA ILE C 325 1.48 -8.59 33.53
C ILE C 325 2.68 -8.76 34.45
N ASP C 326 3.61 -7.80 34.48
CA ASP C 326 4.73 -7.90 35.40
C ASP C 326 4.24 -7.87 36.84
N ASP C 327 3.30 -6.98 37.16
CA ASP C 327 2.73 -6.95 38.49
C ASP C 327 2.01 -8.24 38.82
N MET C 328 1.25 -8.78 37.85
CA MET C 328 0.61 -10.08 38.06
C MET C 328 1.65 -11.15 38.33
N SER C 329 2.77 -11.12 37.60
CA SER C 329 3.83 -12.11 37.81
C SER C 329 4.40 -12.00 39.23
N LYS C 330 4.66 -10.78 39.70
CA LYS C 330 5.21 -10.62 41.04
C LYS C 330 4.21 -11.09 42.10
N ARG C 331 2.93 -10.82 41.89
CA ARG C 331 1.92 -11.28 42.83
C ARG C 331 1.87 -12.81 42.88
N LEU C 332 2.01 -13.47 41.74
CA LEU C 332 2.04 -14.92 41.73
C LEU C 332 3.24 -15.45 42.51
N LYS C 333 4.41 -14.89 42.25
CA LYS C 333 5.61 -15.30 42.97
C LYS C 333 5.44 -15.07 44.48
N SER C 334 4.95 -13.88 44.86
CA SER C 334 4.78 -13.56 46.27
C SER C 334 3.83 -14.56 46.95
N LEU C 335 2.73 -14.90 46.29
CA LEU C 335 1.79 -15.86 46.87
C LEU C 335 2.39 -17.26 46.93
N GLU C 336 3.23 -17.61 45.95
CA GLU C 336 3.91 -18.90 46.01
C GLU C 336 4.81 -19.01 47.24
N ARG C 337 5.53 -17.93 47.56
CA ARG C 337 6.38 -17.94 48.75
C ARG C 337 5.55 -18.01 50.01
N LYS C 338 4.49 -17.18 50.10
CA LYS C 338 3.65 -17.17 51.29
C LYS C 338 3.06 -18.56 51.55
N VAL C 339 2.64 -19.26 50.50
CA VAL C 339 2.06 -20.58 50.67
C VAL C 339 3.13 -21.60 51.04
N ASN C 340 4.32 -21.48 50.45
CA ASN C 340 5.41 -22.39 50.76
C ASN C 340 6.13 -21.97 52.04
MG MG D . -0.21 -2.76 6.47
MG MG E . 0.68 10.65 -25.44
C1 O4P F . 12.15 -0.62 10.74
C2 O4P F . 12.46 -0.48 12.20
C3 O4P F . 12.52 0.20 9.69
C12 O4P F . 13.46 -3.59 14.44
C13 O4P F . 14.42 1.16 11.98
C14 O4P F . 14.28 2.66 13.72
C16 O4P F . 11.48 -4.70 15.17
C17 O4P F . 15.00 2.29 12.64
C18 O4P F . 10.45 -4.87 16.20
C20 O4P F . 14.30 -2.27 11.96
C21 O4P F . 10.68 -2.81 10.73
C22 O4P F . 10.53 -2.31 7.93
C23 O4P F . 11.30 -5.19 13.83
C24 O4P F . 9.31 -5.59 15.79
C25 O4P F . 9.75 -4.65 18.70
C26 O4P F . 9.97 -3.64 9.87
C27 O4P F . 9.88 -3.39 8.49
C28 O4P F . 9.19 -6.07 14.46
C29 O4P F . 10.16 -5.86 13.49
C10 O4P F . 11.24 -1.46 8.79
C4 O4P F . 11.33 -1.70 10.19
C7 O4P F . 13.29 0.72 12.59
C8 O4P F . 12.77 -2.30 13.94
N5 O4P F . 13.16 -1.73 12.73
N6 O4P F . 11.97 -0.31 8.50
O11 O4P F . 12.69 -4.11 15.51
O15 O4P F . 11.90 -1.80 14.64
O19 O4P F . 10.55 -4.23 17.49
S9 O4P F . 12.91 1.70 13.97
H30 O4P F . 11.48 -0.34 12.66
H31 O4P F . 13.12 1.09 9.70
H33 O4P F . 13.55 -4.32 13.64
H34 O4P F . 14.48 -3.37 14.77
H35 O4P F . 14.86 0.72 11.08
H36 O4P F . 14.50 3.50 14.40
H37 O4P F . 15.91 2.77 12.29
H39 O4P F . 15.11 -2.61 12.60
H38 O4P F . 14.73 -1.52 11.29
H40 O4P F . 14.02 -3.11 11.33
H41 O4P F . 10.74 -3.01 11.80
H42 O4P F . 10.47 -2.09 6.86
H43 O4P F . 12.08 -5.02 13.09
H44 O4P F . 8.52 -5.78 16.50
H47 O4P F . 9.87 -3.99 19.56
H45 O4P F . 10.01 -5.64 19.08
H46 O4P F . 8.67 -4.69 18.52
H48 O4P F . 9.46 -4.52 10.27
H49 O4P F . 9.32 -4.07 7.86
H50 O4P F . 8.30 -6.62 14.17
H51 O4P F . 10.02 -6.23 12.47
H32 O4P F . 12.09 0.09 7.58
C2 O3V G . -10.77 6.69 10.26
C3 O3V G . -11.30 5.57 11.03
C4 O3V G . -12.70 5.45 11.21
C5 O3V G . -13.51 6.43 10.62
C6 O3V G . -14.97 6.49 10.82
C7 O3V G . -15.71 7.71 10.28
C8 O3V G . -15.18 8.17 8.94
C13 O3V G . -10.17 4.84 11.42
C17 O3V G . -5.87 4.25 12.38
C18 O3V G . -5.01 4.44 11.28
C19 O3V G . -5.48 4.99 10.08
C20 O3V G . -6.82 5.33 9.95
C21 O3V G . -15.34 7.06 7.87
C22 O3V G . -15.98 9.41 8.51
C25 O3V G . -12.97 4.17 13.37
C26 O3V G . -13.39 2.86 13.82
C27 O3V G . -13.84 2.07 12.80
C10 O3V G . -12.88 7.49 9.84
C15 O3V G . -7.68 5.14 11.05
C16 O3V G . -7.22 4.60 12.26
C24 O3V G . -13.12 4.31 12.01
C9 O3V G . -13.72 8.55 9.11
N1 O3V G . -11.58 7.64 9.66
N11 O3V G . -9.07 5.51 10.91
N12 O3V G . -9.41 6.65 10.20
O14 O3V G . -15.60 5.62 11.41
O23 O3V G . -10.00 3.70 12.09
S28 O3V G . -13.77 2.89 11.28
H29 O3V G . -15.63 8.52 11.01
H30 O3V G . -16.77 7.48 10.22
H34 O3V G . -5.50 3.83 13.30
H35 O3V G . -3.95 4.17 11.37
H36 O3V G . -4.80 5.13 9.25
H37 O3V G . -7.20 5.76 9.02
H39 O3V G . -16.36 6.72 7.77
H38 O3V G . -14.74 6.19 8.08
H40 O3V G . -15.04 7.40 6.88
H41 O3V G . -17.05 9.22 8.40
H42 O3V G . -15.65 9.81 7.55
H43 O3V G . -15.90 10.23 9.23
H45 O3V G . -12.59 4.92 14.05
H46 O3V G . -13.34 2.55 14.86
H47 O3V G . -14.21 1.06 12.86
H33 O3V G . -7.89 4.45 13.11
H32 O3V G . -13.65 9.49 9.64
H31 O3V G . -13.29 8.73 8.13
H44 O3V G . -10.91 3.37 12.31
C2 O3V H . -3.45 -16.02 0.83
C3 O3V H . -2.53 -16.48 1.84
C4 O3V H . -1.77 -17.67 1.63
C5 O3V H . -1.95 -18.33 0.41
C6 O3V H . -1.30 -19.60 0.07
C7 O3V H . -1.79 -20.35 -1.14
C8 O3V H . -1.98 -19.42 -2.32
C13 O3V H . -2.61 -15.54 2.88
C17 O3V H . -4.52 -11.09 3.16
C18 O3V H . -4.70 -11.12 4.55
C19 O3V H . -4.50 -12.32 5.24
C20 O3V H . -4.12 -13.48 4.58
C21 O3V H . -0.65 -18.73 -2.67
C22 O3V H . -2.51 -20.24 -3.52
C25 O3V H . -1.33 -18.56 3.94
C26 O3V H . -0.24 -18.74 4.87
C27 O3V H . 0.96 -18.37 4.31
C10 O3V H . -2.88 -17.77 -0.57
C15 O3V H . -3.95 -13.42 3.19
C16 O3V H . -4.15 -12.24 2.47
C24 O3V H . -0.91 -18.06 2.72
C9 O3V H . -3.07 -18.40 -1.94
N1 O3V H . -3.62 -16.68 -0.39
N11 O3V H . -3.55 -14.59 2.47
N12 O3V H . -4.07 -14.86 1.22
O14 O3V H . -0.36 -20.05 0.71
O23 O3V H . -1.96 -15.38 4.03
S28 O3V H . 0.81 -17.82 2.68
H29 O3V H . -1.10 -21.14 -1.38
H30 O3V H . -2.73 -20.86 -0.89
H34 O3V H . -4.69 -10.16 2.61
H35 O3V H . -4.99 -10.22 5.09
H36 O3V H . -4.64 -12.34 6.33
H37 O3V H . -3.97 -14.41 5.12
H39 O3V H . -0.73 -18.11 -3.56
H38 O3V H . -0.31 -18.06 -1.88
H40 O3V H . 0.15 -19.43 -2.85
H41 O3V H . -3.47 -20.72 -3.31
H42 O3V H . -2.66 -19.63 -4.40
H43 O3V H . -1.83 -21.04 -3.81
H45 O3V H . -2.37 -18.80 4.20
H46 O3V H . -0.37 -19.11 5.88
H47 O3V H . 1.94 -18.41 4.78
H33 O3V H . -4.02 -12.22 1.38
H32 O3V H . -4.03 -18.87 -2.01
H31 O3V H . -3.08 -17.62 -2.70
H44 O3V H . -1.30 -16.12 4.07
#